data_4JAD
#
_entry.id   4JAD
#
_cell.length_a   165.513
_cell.length_b   165.513
_cell.length_c   159.791
_cell.angle_alpha   90.00
_cell.angle_beta   90.00
_cell.angle_gamma   120.00
#
_symmetry.space_group_name_H-M   'H 3'
#
loop_
_entity.id
_entity.type
_entity.pdbx_description
1 polymer 'Citrate synthase'
2 non-polymer 'SULFATE ION'
3 water water
#
_entity_poly.entity_id   1
_entity_poly.type   'polypeptide(L)'
_entity_poly.pdbx_seq_one_letter_code
;ADTKAKLTLDGDTAVELDVLKGTLGQDVIDIRTLGSKGVFTFDPGFTSTTSCESKITFIDGDEGILLHRGFPIDQLATDS
NYLEVCYILLNGEKPTQEQYDEFKTTVTRHTMIHEQITRLFHAFRRDSHPMAVMCGITGALAAFYHDSLDVNNPRHREIA
AFRLLSKMPTMAAMCYKYSIGQPFVYPRNDLSYAGNFLNMMFSTPCEPYEVNPILERAMDRILILHADHEQNASTSTVRT
AGSSGANPFACIAAGIASLWGPAHGGANEAALKMLEEIGKKENIPEFVRRAKDKNDSFRLMGFGHRVYKNYDPRATVMRE
TCHEVLKELGTKDDLLEVAMELENIALNDPYFIEKKLYPNVDFYSGIILKAMGIPSSMFTVIFAMARTVGWIAHWSEMHS
DGMKIARPRQLYTGYEKRDFKSDIKR
;
_entity_poly.pdbx_strand_id   A,B
#
loop_
_chem_comp.id
_chem_comp.type
_chem_comp.name
_chem_comp.formula
SO4 non-polymer 'SULFATE ION' 'O4 S -2'
#
# COMPACT_ATOMS: atom_id res chain seq x y z
N ALA A 1 -12.35 -25.70 -24.01
CA ALA A 1 -13.57 -24.84 -24.14
C ALA A 1 -14.84 -25.51 -23.62
N ASP A 2 -14.86 -26.84 -23.61
CA ASP A 2 -16.07 -27.55 -23.20
C ASP A 2 -16.83 -27.19 -21.93
N THR A 3 -16.44 -27.74 -20.79
CA THR A 3 -17.16 -27.47 -19.55
C THR A 3 -17.38 -25.96 -19.28
N LYS A 4 -16.75 -25.11 -20.09
CA LYS A 4 -16.89 -23.66 -19.93
C LYS A 4 -18.35 -23.26 -20.02
N ALA A 5 -19.17 -24.16 -20.56
CA ALA A 5 -20.59 -23.90 -20.72
C ALA A 5 -21.15 -23.33 -19.41
N LYS A 6 -21.09 -24.12 -18.34
CA LYS A 6 -21.59 -23.71 -17.04
C LYS A 6 -21.37 -24.79 -15.99
N LEU A 7 -21.89 -24.54 -14.79
CA LEU A 7 -21.79 -25.46 -13.67
C LEU A 7 -22.57 -24.90 -12.48
N THR A 8 -22.86 -25.73 -11.50
CA THR A 8 -23.65 -25.27 -10.35
C THR A 8 -23.12 -25.64 -8.96
N LEU A 9 -23.64 -24.93 -7.97
CA LEU A 9 -23.27 -25.11 -6.58
C LEU A 9 -24.56 -25.17 -5.75
N ASP A 10 -24.50 -25.86 -4.61
CA ASP A 10 -25.67 -25.96 -3.73
C ASP A 10 -25.39 -26.68 -2.41
N GLY A 11 -25.92 -26.11 -1.33
CA GLY A 11 -25.75 -26.68 0.00
C GLY A 11 -27.13 -26.86 0.62
N ASP A 12 -28.02 -25.92 0.28
CA ASP A 12 -29.41 -25.92 0.75
C ASP A 12 -30.34 -25.47 -0.38
N THR A 13 -29.73 -24.91 -1.43
CA THR A 13 -30.46 -24.42 -2.60
C THR A 13 -29.55 -24.46 -3.83
N ALA A 14 -30.14 -24.56 -5.02
CA ALA A 14 -29.39 -24.65 -6.27
C ALA A 14 -29.00 -23.28 -6.90
N VAL A 15 -27.73 -23.18 -7.27
CA VAL A 15 -27.18 -21.96 -7.88
C VAL A 15 -26.37 -22.32 -9.12
N GLU A 16 -26.65 -21.64 -10.23
CA GLU A 16 -25.96 -21.90 -11.49
C GLU A 16 -24.88 -20.83 -11.77
N LEU A 17 -23.62 -21.26 -11.83
CA LEU A 17 -22.50 -20.36 -12.05
C LEU A 17 -21.81 -20.63 -13.40
N ASP A 18 -21.51 -19.57 -14.13
CA ASP A 18 -20.86 -19.69 -15.43
C ASP A 18 -19.38 -20.04 -15.33
N VAL A 19 -18.82 -20.54 -16.42
CA VAL A 19 -17.41 -20.91 -16.48
C VAL A 19 -16.74 -20.08 -17.56
N LEU A 20 -16.02 -19.04 -17.14
CA LEU A 20 -15.33 -18.15 -18.07
C LEU A 20 -13.97 -18.72 -18.47
N LYS A 21 -13.49 -18.28 -19.62
CA LYS A 21 -12.22 -18.75 -20.16
C LYS A 21 -11.32 -17.59 -20.57
N GLY A 22 -10.01 -17.83 -20.55
CA GLY A 22 -9.09 -16.79 -20.95
C GLY A 22 -8.57 -17.02 -22.35
N THR A 23 -7.89 -16.03 -22.92
CA THR A 23 -7.33 -16.17 -24.26
C THR A 23 -6.10 -17.07 -24.16
N LEU A 24 -5.70 -17.33 -22.92
CA LEU A 24 -4.57 -18.19 -22.56
C LEU A 24 -4.80 -18.51 -21.09
N GLY A 25 -4.27 -19.64 -20.61
CA GLY A 25 -4.47 -20.00 -19.23
C GLY A 25 -5.79 -20.73 -19.01
N GLN A 26 -6.04 -21.19 -17.78
CA GLN A 26 -7.28 -21.93 -17.49
C GLN A 26 -8.54 -21.13 -17.25
N ASP A 27 -9.66 -21.86 -17.24
CA ASP A 27 -10.99 -21.31 -17.03
C ASP A 27 -11.19 -20.89 -15.59
N VAL A 28 -12.23 -20.09 -15.37
CA VAL A 28 -12.58 -19.63 -14.04
C VAL A 28 -14.09 -19.71 -13.87
N ILE A 29 -14.53 -19.90 -12.65
CA ILE A 29 -15.95 -19.99 -12.35
C ILE A 29 -16.45 -18.66 -11.78
N ASP A 30 -17.22 -17.93 -12.57
CA ASP A 30 -17.76 -16.64 -12.16
C ASP A 30 -18.69 -16.80 -10.95
N ILE A 31 -18.24 -16.34 -9.79
CA ILE A 31 -19.07 -16.44 -8.59
C ILE A 31 -19.55 -15.04 -8.19
N ARG A 32 -19.52 -14.13 -9.16
CA ARG A 32 -19.95 -12.76 -8.92
C ARG A 32 -21.41 -12.66 -8.47
N THR A 33 -22.09 -13.80 -8.35
CA THR A 33 -23.49 -13.81 -7.92
C THR A 33 -23.71 -14.46 -6.57
N LEU A 34 -22.83 -15.39 -6.18
CA LEU A 34 -22.95 -16.08 -4.91
C LEU A 34 -23.11 -15.13 -3.72
N GLY A 35 -22.50 -13.94 -3.84
CA GLY A 35 -22.57 -12.96 -2.77
C GLY A 35 -24.00 -12.60 -2.40
N SER A 36 -24.74 -12.13 -3.41
CA SER A 36 -26.14 -11.75 -3.20
C SER A 36 -26.91 -12.93 -2.63
N LYS A 37 -26.76 -14.09 -3.28
CA LYS A 37 -27.42 -15.31 -2.84
C LYS A 37 -27.26 -15.46 -1.34
N GLY A 38 -26.11 -15.02 -0.82
CA GLY A 38 -25.84 -15.14 0.60
C GLY A 38 -24.78 -16.19 0.84
N VAL A 39 -24.05 -16.52 -0.22
CA VAL A 39 -22.99 -17.51 -0.13
C VAL A 39 -21.63 -16.82 -0.29
N PHE A 40 -20.70 -17.17 0.59
CA PHE A 40 -19.36 -16.58 0.56
C PHE A 40 -18.31 -17.67 0.68
N THR A 41 -17.23 -17.54 -0.09
CA THR A 41 -16.14 -18.51 -0.06
C THR A 41 -15.11 -18.10 1.00
N PHE A 42 -14.16 -18.98 1.26
CA PHE A 42 -13.10 -18.71 2.24
C PHE A 42 -11.77 -19.05 1.59
N ASP A 43 -11.00 -18.03 1.23
CA ASP A 43 -9.73 -18.23 0.55
C ASP A 43 -8.62 -17.28 1.02
N PRO A 44 -8.09 -17.49 2.24
CA PRO A 44 -7.03 -16.62 2.75
C PRO A 44 -5.81 -16.65 1.82
N GLY A 45 -5.53 -15.53 1.16
CA GLY A 45 -4.39 -15.48 0.26
C GLY A 45 -4.77 -15.38 -1.21
N PHE A 46 -6.05 -15.60 -1.51
CA PHE A 46 -6.58 -15.53 -2.86
C PHE A 46 -5.86 -16.43 -3.87
N THR A 47 -5.44 -17.61 -3.40
CA THR A 47 -4.73 -18.56 -4.26
C THR A 47 -5.67 -19.35 -5.16
N SER A 48 -6.94 -19.46 -4.77
CA SER A 48 -7.93 -20.18 -5.56
C SER A 48 -9.01 -19.20 -6.04
N THR A 49 -8.67 -17.91 -5.97
CA THR A 49 -9.56 -16.82 -6.36
C THR A 49 -8.92 -15.88 -7.39
N THR A 50 -9.65 -15.59 -8.47
CA THR A 50 -9.15 -14.69 -9.50
C THR A 50 -9.73 -13.31 -9.20
N SER A 51 -8.84 -12.35 -8.95
CA SER A 51 -9.23 -10.98 -8.61
C SER A 51 -9.43 -10.01 -9.77
N CYS A 52 -9.04 -10.39 -10.98
CA CYS A 52 -9.20 -9.45 -12.08
C CYS A 52 -8.99 -10.06 -13.45
N GLU A 53 -9.36 -9.28 -14.45
CA GLU A 53 -9.16 -9.66 -15.84
C GLU A 53 -8.02 -8.72 -16.26
N SER A 54 -7.03 -9.27 -16.98
CA SER A 54 -5.90 -8.45 -17.41
C SER A 54 -5.51 -8.77 -18.85
N LYS A 55 -4.98 -7.76 -19.55
CA LYS A 55 -4.56 -7.90 -20.94
C LYS A 55 -3.08 -7.49 -21.07
N ILE A 56 -2.44 -7.20 -19.95
CA ILE A 56 -1.05 -6.74 -19.94
C ILE A 56 0.02 -7.83 -20.14
N THR A 57 0.17 -8.68 -19.14
CA THR A 57 1.19 -9.72 -19.17
C THR A 57 0.65 -11.12 -18.96
N PHE A 58 1.17 -12.08 -19.71
CA PHE A 58 0.78 -13.47 -19.53
C PHE A 58 1.96 -14.31 -19.11
N ILE A 59 1.73 -15.16 -18.11
CA ILE A 59 2.77 -16.04 -17.61
C ILE A 59 2.29 -17.49 -17.49
N ASP A 60 3.05 -18.41 -18.10
CA ASP A 60 2.75 -19.84 -17.97
C ASP A 60 4.04 -20.32 -17.33
N GLY A 61 4.04 -20.37 -16.00
CA GLY A 61 5.20 -20.75 -15.22
C GLY A 61 5.84 -22.09 -15.51
N ASP A 62 5.02 -23.15 -15.56
CA ASP A 62 5.53 -24.48 -15.83
C ASP A 62 6.23 -24.59 -17.18
N GLU A 63 5.84 -23.75 -18.12
CA GLU A 63 6.42 -23.75 -19.47
C GLU A 63 7.49 -22.67 -19.68
N GLY A 64 7.78 -21.88 -18.65
CA GLY A 64 8.77 -20.83 -18.75
C GLY A 64 8.42 -19.80 -19.81
N ILE A 65 7.15 -19.43 -19.90
CA ILE A 65 6.67 -18.45 -20.87
C ILE A 65 6.28 -17.10 -20.23
N LEU A 66 6.80 -16.02 -20.81
CA LEU A 66 6.48 -14.67 -20.34
C LEU A 66 6.17 -13.77 -21.53
N LEU A 67 4.97 -13.21 -21.57
CA LEU A 67 4.56 -12.32 -22.66
C LEU A 67 4.06 -10.96 -22.15
N HIS A 68 4.43 -9.90 -22.86
CA HIS A 68 3.96 -8.56 -22.53
C HIS A 68 3.18 -8.11 -23.77
N ARG A 69 1.87 -7.94 -23.60
CA ARG A 69 0.99 -7.56 -24.70
C ARG A 69 1.16 -8.59 -25.84
N GLY A 70 1.28 -9.86 -25.45
CA GLY A 70 1.44 -10.93 -26.43
C GLY A 70 2.86 -11.16 -26.95
N PHE A 71 3.71 -10.14 -26.85
CA PHE A 71 5.09 -10.23 -27.33
C PHE A 71 6.02 -10.97 -26.36
N PRO A 72 6.69 -12.04 -26.84
CA PRO A 72 7.61 -12.82 -25.99
C PRO A 72 8.74 -11.95 -25.44
N ILE A 73 9.04 -12.09 -24.15
CA ILE A 73 10.08 -11.29 -23.52
C ILE A 73 11.46 -11.38 -24.20
N ASP A 74 11.77 -12.50 -24.83
CA ASP A 74 13.08 -12.66 -25.48
C ASP A 74 13.22 -11.72 -26.70
N GLN A 75 12.13 -11.58 -27.46
CA GLN A 75 12.15 -10.71 -28.63
C GLN A 75 12.25 -9.23 -28.25
N LEU A 76 11.55 -8.84 -27.18
CA LEU A 76 11.58 -7.46 -26.72
C LEU A 76 12.95 -7.16 -26.15
N ALA A 77 13.52 -8.11 -25.41
CA ALA A 77 14.83 -7.94 -24.80
C ALA A 77 15.91 -7.61 -25.80
N THR A 78 15.97 -8.38 -26.89
CA THR A 78 16.99 -8.16 -27.92
C THR A 78 16.59 -7.21 -29.05
N ASP A 79 15.31 -7.14 -29.38
CA ASP A 79 14.88 -6.30 -30.49
C ASP A 79 14.34 -4.91 -30.17
N SER A 80 13.86 -4.70 -28.95
CA SER A 80 13.29 -3.42 -28.55
C SER A 80 14.20 -2.64 -27.58
N ASN A 81 13.70 -1.54 -27.05
CA ASN A 81 14.43 -0.73 -26.08
C ASN A 81 13.46 -0.38 -24.94
N TYR A 82 13.99 -0.13 -23.75
CA TYR A 82 13.13 0.15 -22.60
C TYR A 82 11.97 1.09 -22.86
N LEU A 83 12.25 2.25 -23.43
CA LEU A 83 11.20 3.23 -23.70
C LEU A 83 10.09 2.64 -24.59
N GLU A 84 10.46 1.87 -25.61
CA GLU A 84 9.46 1.26 -26.50
C GLU A 84 8.68 0.18 -25.75
N VAL A 85 9.36 -0.54 -24.86
CA VAL A 85 8.69 -1.57 -24.07
C VAL A 85 7.70 -0.85 -23.15
N CYS A 86 8.10 0.32 -22.66
CA CYS A 86 7.23 1.13 -21.80
C CYS A 86 5.96 1.48 -22.57
N TYR A 87 6.12 1.98 -23.80
CA TYR A 87 4.96 2.35 -24.62
C TYR A 87 4.03 1.16 -24.83
N ILE A 88 4.61 0.02 -25.21
CA ILE A 88 3.82 -1.19 -25.44
C ILE A 88 3.08 -1.60 -24.17
N LEU A 89 3.75 -1.57 -23.03
CA LEU A 89 3.12 -1.96 -21.77
C LEU A 89 1.93 -1.06 -21.41
N LEU A 90 2.09 0.25 -21.60
CA LEU A 90 1.03 1.21 -21.27
C LEU A 90 -0.04 1.37 -22.35
N ASN A 91 0.31 1.11 -23.61
CA ASN A 91 -0.66 1.27 -24.70
C ASN A 91 -1.24 0.00 -25.31
N GLY A 92 -0.48 -1.08 -25.30
CA GLY A 92 -0.98 -2.34 -25.85
C GLY A 92 -0.54 -2.68 -27.26
N GLU A 93 0.21 -1.79 -27.88
CA GLU A 93 0.68 -2.01 -29.25
C GLU A 93 2.05 -1.40 -29.45
N LYS A 94 2.79 -1.92 -30.43
CA LYS A 94 4.10 -1.40 -30.77
C LYS A 94 3.78 -0.03 -31.35
N PRO A 95 4.59 0.99 -31.04
CA PRO A 95 4.35 2.34 -31.55
C PRO A 95 4.83 2.62 -32.98
N THR A 96 4.10 3.48 -33.67
CA THR A 96 4.51 3.89 -35.01
C THR A 96 5.67 4.84 -34.70
N GLN A 97 6.44 5.22 -35.70
CA GLN A 97 7.56 6.14 -35.46
C GLN A 97 7.04 7.42 -34.83
N GLU A 98 6.00 8.02 -35.42
CA GLU A 98 5.41 9.26 -34.92
C GLU A 98 4.94 9.13 -33.47
N GLN A 99 4.26 8.03 -33.15
CA GLN A 99 3.78 7.80 -31.79
C GLN A 99 4.92 7.71 -30.80
N TYR A 100 5.97 6.99 -31.17
CA TYR A 100 7.13 6.83 -30.30
C TYR A 100 7.87 8.16 -30.15
N ASP A 101 7.90 8.95 -31.21
CA ASP A 101 8.58 10.25 -31.16
C ASP A 101 7.96 11.14 -30.09
N GLU A 102 6.63 11.16 -30.07
CA GLU A 102 5.91 11.98 -29.10
C GLU A 102 6.02 11.46 -27.66
N PHE A 103 5.95 10.15 -27.53
CA PHE A 103 6.06 9.50 -26.21
C PHE A 103 7.42 9.88 -25.58
N LYS A 104 8.48 9.84 -26.40
CA LYS A 104 9.83 10.15 -25.96
C LYS A 104 10.04 11.64 -25.64
N THR A 105 9.39 12.51 -26.40
CA THR A 105 9.50 13.94 -26.17
C THR A 105 8.81 14.31 -24.86
N THR A 106 7.64 13.69 -24.63
CA THR A 106 6.88 13.94 -23.42
C THR A 106 7.68 13.49 -22.20
N VAL A 107 8.26 12.30 -22.27
CA VAL A 107 9.07 11.78 -21.17
C VAL A 107 10.25 12.70 -20.91
N THR A 108 11.01 12.97 -21.97
CA THR A 108 12.18 13.83 -21.90
C THR A 108 11.80 15.20 -21.38
N ARG A 109 10.56 15.59 -21.63
CA ARG A 109 10.08 16.89 -21.21
C ARG A 109 10.05 17.11 -19.70
N HIS A 110 9.78 16.07 -18.92
CA HIS A 110 9.67 16.25 -17.47
C HIS A 110 10.50 15.33 -16.57
N THR A 111 11.78 15.19 -16.89
CA THR A 111 12.67 14.35 -16.10
C THR A 111 13.18 15.01 -14.81
N MET A 112 13.27 16.34 -14.80
CA MET A 112 13.74 17.05 -13.61
C MET A 112 12.74 17.00 -12.47
N ILE A 113 13.23 16.96 -11.24
CA ILE A 113 12.32 16.98 -10.11
C ILE A 113 12.43 18.37 -9.46
N HIS A 114 11.28 18.98 -9.15
CA HIS A 114 11.21 20.31 -8.54
C HIS A 114 12.32 20.45 -7.50
N GLU A 115 13.06 21.56 -7.57
CA GLU A 115 14.16 21.80 -6.64
C GLU A 115 13.81 21.68 -5.14
N GLN A 116 12.53 21.86 -4.77
CA GLN A 116 12.18 21.74 -3.35
C GLN A 116 12.12 20.27 -2.96
N ILE A 117 11.71 19.42 -3.90
CA ILE A 117 11.65 17.98 -3.67
C ILE A 117 13.10 17.56 -3.51
N THR A 118 13.98 18.15 -4.32
CA THR A 118 15.39 17.84 -4.24
C THR A 118 15.93 18.19 -2.85
N ARG A 119 15.37 19.22 -2.22
CA ARG A 119 15.77 19.65 -0.88
C ARG A 119 15.44 18.58 0.16
N LEU A 120 14.43 17.76 -0.13
CA LEU A 120 14.01 16.69 0.76
C LEU A 120 15.12 15.69 1.06
N PHE A 121 15.87 15.31 0.03
CA PHE A 121 16.99 14.36 0.15
C PHE A 121 18.00 14.73 1.25
N HIS A 122 18.30 16.01 1.37
CA HIS A 122 19.28 16.48 2.34
C HIS A 122 18.83 16.39 3.80
N ALA A 123 17.56 16.03 4.00
CA ALA A 123 17.02 15.87 5.35
C ALA A 123 17.19 14.41 5.83
N PHE A 124 17.56 13.52 4.92
CA PHE A 124 17.79 12.12 5.30
C PHE A 124 19.22 11.98 5.82
N ARG A 125 19.54 10.84 6.42
CA ARG A 125 20.90 10.61 6.92
C ARG A 125 21.72 10.10 5.72
N ARG A 126 23.01 10.43 5.67
CA ARG A 126 23.85 9.97 4.56
C ARG A 126 24.01 8.45 4.63
N ASP A 127 23.81 7.90 5.82
CA ASP A 127 23.96 6.46 6.05
C ASP A 127 22.68 5.64 5.83
N SER A 128 21.57 6.30 5.52
CA SER A 128 20.31 5.60 5.30
C SER A 128 20.42 4.68 4.08
N HIS A 129 19.64 3.60 4.07
CA HIS A 129 19.62 2.68 2.94
C HIS A 129 18.99 3.41 1.77
N PRO A 130 19.63 3.42 0.59
CA PRO A 130 19.06 4.12 -0.57
C PRO A 130 17.65 3.67 -0.96
N MET A 131 17.25 2.48 -0.53
CA MET A 131 15.92 1.98 -0.85
C MET A 131 14.89 2.66 0.05
N ALA A 132 15.28 2.93 1.29
CA ALA A 132 14.39 3.59 2.24
C ALA A 132 14.22 5.06 1.84
N VAL A 133 15.26 5.63 1.24
CA VAL A 133 15.21 7.01 0.77
C VAL A 133 14.31 7.06 -0.48
N MET A 134 14.45 6.06 -1.33
CA MET A 134 13.66 5.97 -2.55
C MET A 134 12.16 5.88 -2.22
N CYS A 135 11.81 5.12 -1.17
CA CYS A 135 10.41 5.00 -0.73
C CYS A 135 9.95 6.31 -0.09
N GLY A 136 10.85 6.93 0.67
CA GLY A 136 10.54 8.17 1.34
C GLY A 136 10.21 9.28 0.36
N ILE A 137 11.08 9.51 -0.60
CA ILE A 137 10.85 10.55 -1.60
C ILE A 137 9.59 10.31 -2.42
N THR A 138 9.41 9.09 -2.92
CA THR A 138 8.22 8.78 -3.72
C THR A 138 6.94 9.00 -2.91
N GLY A 139 6.96 8.63 -1.64
CA GLY A 139 5.80 8.81 -0.78
C GLY A 139 5.56 10.25 -0.36
N ALA A 140 6.39 11.16 -0.87
CA ALA A 140 6.26 12.59 -0.55
C ALA A 140 5.91 13.43 -1.76
N LEU A 141 6.03 12.87 -2.96
CA LEU A 141 5.75 13.63 -4.18
C LEU A 141 4.38 14.27 -4.19
N ALA A 142 3.41 13.65 -3.53
CA ALA A 142 2.04 14.17 -3.49
C ALA A 142 1.93 15.57 -2.89
N ALA A 143 2.84 15.89 -1.97
CA ALA A 143 2.83 17.20 -1.33
C ALA A 143 3.33 18.30 -2.28
N PHE A 144 4.01 17.89 -3.36
CA PHE A 144 4.54 18.84 -4.33
C PHE A 144 3.73 18.84 -5.63
N TYR A 145 3.10 17.70 -5.94
CA TYR A 145 2.30 17.55 -7.14
C TYR A 145 0.84 17.27 -6.78
N HIS A 146 0.20 18.21 -6.11
CA HIS A 146 -1.19 18.06 -5.69
C HIS A 146 -2.21 18.29 -6.82
N ASP A 147 -1.73 18.68 -7.99
CA ASP A 147 -2.61 18.93 -9.12
C ASP A 147 -2.95 17.72 -9.99
N SER A 148 -2.41 16.53 -9.69
CA SER A 148 -2.73 15.34 -10.48
C SER A 148 -3.04 14.17 -9.56
N LEU A 149 -3.81 14.44 -8.50
CA LEU A 149 -4.16 13.42 -7.53
C LEU A 149 -5.53 12.75 -7.72
N ASP A 150 -6.45 13.41 -8.42
CA ASP A 150 -7.77 12.80 -8.64
C ASP A 150 -7.71 11.69 -9.67
N VAL A 151 -7.68 10.47 -9.17
CA VAL A 151 -7.62 9.28 -9.99
C VAL A 151 -8.89 9.04 -10.78
N ASN A 152 -9.90 9.88 -10.58
CA ASN A 152 -11.16 9.75 -11.31
C ASN A 152 -11.10 10.55 -12.60
N ASN A 153 -10.09 11.43 -12.68
CA ASN A 153 -9.90 12.27 -13.85
C ASN A 153 -8.88 11.62 -14.77
N PRO A 154 -9.27 11.28 -16.00
CA PRO A 154 -8.38 10.64 -16.98
C PRO A 154 -7.11 11.44 -17.26
N ARG A 155 -7.24 12.77 -17.35
CA ARG A 155 -6.09 13.61 -17.61
C ARG A 155 -5.12 13.54 -16.44
N HIS A 156 -5.66 13.34 -15.25
CA HIS A 156 -4.84 13.23 -14.05
C HIS A 156 -3.94 12.00 -14.12
N ARG A 157 -4.52 10.83 -14.37
CA ARG A 157 -3.75 9.60 -14.48
C ARG A 157 -2.67 9.77 -15.54
N GLU A 158 -3.07 10.34 -16.67
CA GLU A 158 -2.16 10.57 -17.78
C GLU A 158 -0.92 11.33 -17.31
N ILE A 159 -1.15 12.46 -16.64
CA ILE A 159 -0.06 13.29 -16.15
C ILE A 159 0.75 12.56 -15.09
N ALA A 160 0.08 12.04 -14.07
CA ALA A 160 0.74 11.33 -12.99
C ALA A 160 1.69 10.25 -13.53
N ALA A 161 1.22 9.52 -14.55
CA ALA A 161 2.02 8.45 -15.14
C ALA A 161 3.36 8.98 -15.68
N PHE A 162 3.30 9.95 -16.58
CA PHE A 162 4.50 10.53 -17.16
C PHE A 162 5.42 11.13 -16.07
N ARG A 163 4.82 11.66 -15.01
CA ARG A 163 5.62 12.23 -13.92
C ARG A 163 6.47 11.15 -13.22
N LEU A 164 5.84 10.03 -12.89
CA LEU A 164 6.54 8.92 -12.23
C LEU A 164 7.51 8.26 -13.20
N LEU A 165 7.06 8.04 -14.43
CA LEU A 165 7.86 7.40 -15.46
C LEU A 165 9.15 8.17 -15.79
N SER A 166 9.03 9.49 -15.93
CA SER A 166 10.16 10.35 -16.28
C SER A 166 11.11 10.66 -15.11
N LYS A 167 10.57 10.72 -13.89
CA LYS A 167 11.37 11.07 -12.72
C LYS A 167 11.98 9.93 -11.89
N MET A 168 11.46 8.72 -12.00
CA MET A 168 12.01 7.61 -11.20
C MET A 168 13.53 7.42 -11.34
N PRO A 169 14.07 7.46 -12.58
CA PRO A 169 15.52 7.28 -12.73
C PRO A 169 16.32 8.45 -12.14
N THR A 170 15.80 9.65 -12.29
CA THR A 170 16.45 10.84 -11.74
C THR A 170 16.54 10.64 -10.23
N MET A 171 15.43 10.17 -9.65
CA MET A 171 15.34 9.94 -8.22
C MET A 171 16.29 8.86 -7.73
N ALA A 172 16.32 7.73 -8.42
CA ALA A 172 17.19 6.60 -8.04
C ALA A 172 18.67 6.97 -8.06
N ALA A 173 19.10 7.73 -9.06
CA ALA A 173 20.49 8.14 -9.16
C ALA A 173 20.82 9.14 -8.05
N MET A 174 19.83 9.92 -7.63
CA MET A 174 20.05 10.90 -6.57
C MET A 174 20.26 10.15 -5.27
N CYS A 175 19.50 9.07 -5.06
CA CYS A 175 19.65 8.25 -3.85
C CYS A 175 21.08 7.72 -3.78
N TYR A 176 21.58 7.25 -4.92
CA TYR A 176 22.94 6.74 -4.99
C TYR A 176 23.94 7.84 -4.69
N LYS A 177 23.86 8.95 -5.41
CA LYS A 177 24.78 10.07 -5.19
C LYS A 177 24.79 10.54 -3.74
N TYR A 178 23.60 10.63 -3.13
CA TYR A 178 23.52 11.07 -1.75
C TYR A 178 24.17 10.06 -0.81
N SER A 179 24.03 8.77 -1.14
CA SER A 179 24.61 7.73 -0.29
C SER A 179 26.15 7.67 -0.34
N ILE A 180 26.77 8.21 -1.39
CA ILE A 180 28.22 8.20 -1.49
C ILE A 180 28.87 9.58 -1.35
N GLY A 181 28.06 10.62 -1.23
CA GLY A 181 28.62 11.95 -1.04
C GLY A 181 29.01 12.74 -2.27
N GLN A 182 28.52 12.35 -3.44
CA GLN A 182 28.81 13.08 -4.67
C GLN A 182 27.61 13.95 -5.04
N PRO A 183 27.86 15.06 -5.77
CA PRO A 183 26.80 15.98 -6.18
C PRO A 183 25.82 15.37 -7.18
N PHE A 184 24.56 15.76 -7.10
CA PHE A 184 23.54 15.25 -8.01
C PHE A 184 23.84 15.68 -9.45
N VAL A 185 23.39 14.88 -10.41
CA VAL A 185 23.61 15.16 -11.83
C VAL A 185 22.25 15.33 -12.50
N TYR A 186 22.08 16.39 -13.26
CA TYR A 186 20.81 16.63 -13.95
C TYR A 186 20.59 15.71 -15.13
N PRO A 187 19.31 15.48 -15.50
CA PRO A 187 19.02 14.64 -16.66
C PRO A 187 19.46 15.37 -17.92
N ARG A 188 19.93 14.62 -18.90
CA ARG A 188 20.36 15.20 -20.17
C ARG A 188 19.48 14.63 -21.27
N ASN A 189 18.88 15.52 -22.04
CA ASN A 189 17.99 15.13 -23.11
C ASN A 189 18.70 14.40 -24.25
N ASP A 190 19.96 14.74 -24.48
CA ASP A 190 20.74 14.14 -25.55
C ASP A 190 21.16 12.68 -25.33
N LEU A 191 20.85 12.13 -24.16
CA LEU A 191 21.22 10.74 -23.86
C LEU A 191 20.00 9.81 -23.91
N SER A 192 20.26 8.51 -23.95
CA SER A 192 19.19 7.52 -23.98
C SER A 192 18.70 7.34 -22.55
N TYR A 193 17.60 6.61 -22.38
CA TYR A 193 17.07 6.37 -21.05
C TYR A 193 18.16 5.66 -20.23
N ALA A 194 18.74 4.60 -20.81
CA ALA A 194 19.79 3.85 -20.12
C ALA A 194 21.10 4.66 -20.01
N GLY A 195 21.48 5.34 -21.08
CA GLY A 195 22.70 6.12 -21.06
C GLY A 195 22.61 7.24 -20.03
N ASN A 196 21.45 7.89 -20.00
CA ASN A 196 21.19 8.98 -19.07
C ASN A 196 21.25 8.48 -17.61
N PHE A 197 20.71 7.30 -17.35
CA PHE A 197 20.75 6.77 -15.98
C PHE A 197 22.20 6.56 -15.54
N LEU A 198 22.98 5.92 -16.40
CA LEU A 198 24.39 5.68 -16.09
C LEU A 198 25.09 7.00 -15.86
N ASN A 199 24.76 7.99 -16.68
CA ASN A 199 25.38 9.30 -16.55
C ASN A 199 25.07 9.91 -15.17
N MET A 200 23.79 9.91 -14.79
CA MET A 200 23.39 10.47 -13.50
C MET A 200 23.94 9.69 -12.32
N MET A 201 24.23 8.41 -12.54
CA MET A 201 24.77 7.54 -11.49
C MET A 201 26.28 7.72 -11.30
N PHE A 202 27.00 7.86 -12.42
CA PHE A 202 28.45 7.91 -12.38
C PHE A 202 29.26 9.16 -12.66
N SER A 203 28.74 10.09 -13.46
CA SER A 203 29.52 11.28 -13.76
C SER A 203 29.68 12.25 -12.59
N THR A 204 30.77 13.00 -12.62
CA THR A 204 31.08 14.01 -11.63
C THR A 204 31.49 15.23 -12.45
N PRO A 205 31.52 16.41 -11.83
CA PRO A 205 31.91 17.64 -12.55
C PRO A 205 33.40 17.71 -12.87
N CYS A 206 34.17 16.73 -12.42
CA CYS A 206 35.61 16.75 -12.63
C CYS A 206 36.11 16.28 -13.99
N GLU A 207 35.19 15.78 -14.81
CA GLU A 207 35.52 15.34 -16.16
C GLU A 207 34.27 14.83 -16.87
N PRO A 208 34.19 15.05 -18.19
CA PRO A 208 33.00 14.57 -18.91
C PRO A 208 32.95 13.04 -18.87
N TYR A 209 31.78 12.51 -18.58
CA TYR A 209 31.60 11.06 -18.50
C TYR A 209 31.18 10.53 -19.85
N GLU A 210 31.77 9.40 -20.23
CA GLU A 210 31.47 8.80 -21.51
C GLU A 210 30.90 7.41 -21.28
N VAL A 211 29.67 7.21 -21.73
CA VAL A 211 28.98 5.95 -21.55
C VAL A 211 29.42 4.90 -22.58
N ASN A 212 29.79 3.72 -22.07
CA ASN A 212 30.21 2.63 -22.94
C ASN A 212 28.94 1.99 -23.50
N PRO A 213 28.75 2.06 -24.84
CA PRO A 213 27.58 1.49 -25.52
C PRO A 213 27.30 0.05 -25.10
N ILE A 214 28.35 -0.66 -24.68
CA ILE A 214 28.18 -2.03 -24.25
C ILE A 214 27.44 -2.02 -22.92
N LEU A 215 27.95 -1.26 -21.96
CA LEU A 215 27.31 -1.17 -20.65
C LEU A 215 25.93 -0.52 -20.76
N GLU A 216 25.77 0.45 -21.67
CA GLU A 216 24.47 1.10 -21.84
C GLU A 216 23.43 0.09 -22.28
N ARG A 217 23.72 -0.64 -23.37
CA ARG A 217 22.78 -1.64 -23.86
C ARG A 217 22.51 -2.67 -22.76
N ALA A 218 23.52 -2.97 -21.95
CA ALA A 218 23.35 -3.92 -20.86
C ALA A 218 22.30 -3.39 -19.86
N MET A 219 22.39 -2.11 -19.52
CA MET A 219 21.45 -1.48 -18.60
C MET A 219 20.05 -1.47 -19.20
N ASP A 220 19.96 -1.15 -20.50
CA ASP A 220 18.67 -1.12 -21.21
C ASP A 220 17.98 -2.47 -21.06
N ARG A 221 18.75 -3.54 -21.26
CA ARG A 221 18.22 -4.89 -21.14
C ARG A 221 17.82 -5.22 -19.69
N ILE A 222 18.63 -4.82 -18.71
CA ILE A 222 18.28 -5.06 -17.32
C ILE A 222 16.91 -4.42 -17.04
N LEU A 223 16.72 -3.23 -17.61
CA LEU A 223 15.47 -2.50 -17.44
C LEU A 223 14.28 -3.20 -18.11
N ILE A 224 14.40 -3.53 -19.40
CA ILE A 224 13.31 -4.21 -20.11
C ILE A 224 12.91 -5.50 -19.39
N LEU A 225 13.91 -6.26 -18.94
CA LEU A 225 13.68 -7.54 -18.28
C LEU A 225 13.06 -7.46 -16.88
N HIS A 226 12.82 -6.25 -16.40
CA HIS A 226 12.18 -6.05 -15.11
C HIS A 226 10.99 -5.11 -15.22
N ALA A 227 10.64 -4.74 -16.46
CA ALA A 227 9.53 -3.81 -16.71
C ALA A 227 8.22 -4.23 -16.03
N ASP A 228 7.87 -5.51 -16.13
CA ASP A 228 6.66 -6.03 -15.50
C ASP A 228 6.69 -7.55 -15.35
N HIS A 229 6.01 -8.06 -14.33
CA HIS A 229 5.94 -9.49 -14.15
C HIS A 229 4.57 -9.97 -13.70
N GLU A 230 3.51 -9.56 -14.40
CA GLU A 230 2.17 -10.05 -14.04
C GLU A 230 1.83 -9.75 -12.57
N GLN A 231 0.81 -10.44 -12.04
CA GLN A 231 0.42 -10.25 -10.66
C GLN A 231 1.40 -10.92 -9.67
N ASN A 232 1.73 -10.19 -8.61
CA ASN A 232 2.61 -10.68 -7.55
C ASN A 232 2.43 -9.76 -6.35
N ALA A 233 3.21 -9.96 -5.30
CA ALA A 233 3.05 -9.16 -4.08
C ALA A 233 3.03 -7.64 -4.26
N SER A 234 4.04 -7.06 -4.90
CA SER A 234 4.07 -5.62 -5.07
C SER A 234 2.98 -5.07 -6.02
N THR A 235 2.69 -5.79 -7.09
CA THR A 235 1.65 -5.35 -8.03
C THR A 235 0.25 -5.49 -7.39
N SER A 236 0.09 -6.47 -6.52
CA SER A 236 -1.19 -6.65 -5.81
C SER A 236 -1.33 -5.52 -4.78
N THR A 237 -0.21 -5.05 -4.25
CA THR A 237 -0.24 -3.94 -3.29
C THR A 237 -0.63 -2.67 -4.04
N VAL A 238 -0.05 -2.48 -5.23
CA VAL A 238 -0.36 -1.31 -6.04
C VAL A 238 -1.82 -1.30 -6.49
N ARG A 239 -2.36 -2.48 -6.80
CA ARG A 239 -3.75 -2.61 -7.23
C ARG A 239 -4.72 -2.38 -6.06
N THR A 240 -4.38 -2.88 -4.88
CA THR A 240 -5.24 -2.73 -3.71
C THR A 240 -5.29 -1.27 -3.24
N ALA A 241 -4.12 -0.66 -3.05
CA ALA A 241 -4.06 0.72 -2.63
C ALA A 241 -4.77 1.58 -3.67
N GLY A 242 -4.57 1.23 -4.94
CA GLY A 242 -5.19 2.00 -6.00
C GLY A 242 -6.71 2.00 -5.97
N SER A 243 -7.31 0.82 -5.89
CA SER A 243 -8.76 0.74 -5.90
C SER A 243 -9.40 1.37 -4.67
N SER A 244 -8.57 1.79 -3.72
CA SER A 244 -9.08 2.43 -2.51
C SER A 244 -9.05 3.95 -2.62
N GLY A 245 -8.71 4.46 -3.80
CA GLY A 245 -8.67 5.89 -4.02
C GLY A 245 -7.30 6.56 -3.91
N ALA A 246 -6.39 5.96 -3.15
CA ALA A 246 -5.04 6.49 -2.95
C ALA A 246 -4.41 7.09 -4.22
N ASN A 247 -3.77 8.25 -4.08
CA ASN A 247 -3.16 8.90 -5.24
C ASN A 247 -2.06 8.01 -5.87
N PRO A 248 -1.80 8.19 -7.18
CA PRO A 248 -0.79 7.41 -7.90
C PRO A 248 0.60 7.32 -7.29
N PHE A 249 1.09 8.44 -6.79
CA PHE A 249 2.42 8.49 -6.18
C PHE A 249 2.46 7.59 -4.95
N ALA A 250 1.43 7.69 -4.10
CA ALA A 250 1.39 6.85 -2.91
C ALA A 250 1.30 5.37 -3.31
N CYS A 251 0.57 5.08 -4.38
CA CYS A 251 0.42 3.70 -4.86
C CYS A 251 1.75 3.10 -5.25
N ILE A 252 2.55 3.87 -6.01
CA ILE A 252 3.87 3.39 -6.43
C ILE A 252 4.80 3.28 -5.22
N ALA A 253 4.68 4.19 -4.26
CA ALA A 253 5.50 4.17 -3.06
C ALA A 253 5.28 2.88 -2.27
N ALA A 254 4.02 2.41 -2.23
CA ALA A 254 3.70 1.17 -1.53
C ALA A 254 4.26 -0.02 -2.33
N GLY A 255 4.24 0.13 -3.66
CA GLY A 255 4.77 -0.92 -4.51
C GLY A 255 6.25 -1.10 -4.22
N ILE A 256 6.99 0.00 -4.17
CA ILE A 256 8.44 -0.04 -3.89
C ILE A 256 8.72 -0.73 -2.55
N ALA A 257 7.95 -0.38 -1.52
CA ALA A 257 8.14 -0.99 -0.20
C ALA A 257 7.84 -2.49 -0.19
N SER A 258 6.84 -2.90 -0.98
CA SER A 258 6.45 -4.31 -1.05
C SER A 258 7.55 -5.10 -1.75
N LEU A 259 8.14 -4.49 -2.77
CA LEU A 259 9.21 -5.12 -3.52
C LEU A 259 10.42 -5.29 -2.60
N TRP A 260 10.64 -4.33 -1.72
CA TRP A 260 11.77 -4.36 -0.78
C TRP A 260 11.53 -5.30 0.41
N GLY A 261 10.26 -5.58 0.69
CA GLY A 261 9.88 -6.42 1.81
C GLY A 261 10.71 -7.65 2.09
N PRO A 262 10.84 -8.55 1.11
CA PRO A 262 11.63 -9.78 1.32
C PRO A 262 13.09 -9.54 1.74
N ALA A 263 13.74 -8.56 1.12
CA ALA A 263 15.14 -8.22 1.41
C ALA A 263 15.42 -8.10 2.91
N HIS A 264 14.73 -7.17 3.58
CA HIS A 264 14.92 -6.98 5.01
C HIS A 264 14.08 -7.97 5.80
N GLY A 265 14.04 -9.21 5.32
CA GLY A 265 13.25 -10.23 5.97
C GLY A 265 13.91 -11.04 7.07
N GLY A 266 15.16 -10.72 7.40
CA GLY A 266 15.85 -11.43 8.46
C GLY A 266 16.68 -12.63 8.01
N ALA A 267 16.02 -13.73 7.70
CA ALA A 267 16.68 -14.94 7.24
C ALA A 267 17.30 -14.63 5.88
N ASN A 268 16.62 -13.79 5.11
CA ASN A 268 17.11 -13.38 3.80
C ASN A 268 18.22 -12.37 4.04
N GLU A 269 17.96 -11.42 4.94
CA GLU A 269 18.91 -10.37 5.30
C GLU A 269 20.24 -10.95 5.76
N ALA A 270 20.19 -11.96 6.61
CA ALA A 270 21.40 -12.60 7.14
C ALA A 270 22.18 -13.29 6.03
N ALA A 271 21.47 -14.02 5.19
CA ALA A 271 22.09 -14.74 4.07
C ALA A 271 22.64 -13.79 3.01
N LEU A 272 22.14 -12.56 2.97
CA LEU A 272 22.59 -11.56 2.01
C LEU A 272 24.04 -11.19 2.34
N LYS A 273 24.33 -11.07 3.63
CA LYS A 273 25.67 -10.72 4.07
C LYS A 273 26.68 -11.80 3.68
N MET A 274 26.32 -13.05 3.96
CA MET A 274 27.17 -14.20 3.66
C MET A 274 27.66 -14.25 2.21
N LEU A 275 26.77 -13.95 1.27
CA LEU A 275 27.12 -13.98 -0.15
C LEU A 275 28.03 -12.80 -0.49
N GLU A 276 27.55 -11.59 -0.20
CA GLU A 276 28.31 -10.38 -0.50
C GLU A 276 29.64 -10.29 0.23
N GLU A 277 29.86 -11.12 1.24
CA GLU A 277 31.11 -11.07 1.98
C GLU A 277 32.00 -12.28 1.69
N ILE A 278 31.67 -13.42 2.28
CA ILE A 278 32.46 -14.63 2.09
C ILE A 278 32.65 -14.93 0.60
N GLY A 279 33.91 -14.91 0.18
CA GLY A 279 34.23 -15.16 -1.20
C GLY A 279 35.71 -15.00 -1.47
N LYS A 280 36.51 -15.94 -0.98
CA LYS A 280 37.96 -15.90 -1.17
C LYS A 280 38.45 -17.10 -1.97
N LYS A 281 37.61 -17.57 -2.90
CA LYS A 281 37.95 -18.70 -3.76
C LYS A 281 38.55 -19.86 -2.95
N GLU A 282 37.86 -20.19 -1.86
CA GLU A 282 38.25 -21.27 -0.97
C GLU A 282 36.95 -21.67 -0.29
N ASN A 283 36.09 -20.67 -0.14
CA ASN A 283 34.79 -20.85 0.49
C ASN A 283 33.75 -21.25 -0.56
N ILE A 284 33.40 -20.31 -1.42
CA ILE A 284 32.42 -20.55 -2.47
C ILE A 284 32.74 -21.76 -3.34
N PRO A 285 34.01 -21.91 -3.77
CA PRO A 285 34.40 -23.05 -4.60
C PRO A 285 34.29 -24.44 -3.95
N GLU A 286 35.03 -24.65 -2.86
CA GLU A 286 34.99 -25.92 -2.15
C GLU A 286 33.72 -26.06 -1.33
N PHE A 287 32.64 -25.46 -1.81
CA PHE A 287 31.33 -25.49 -1.17
C PHE A 287 31.43 -25.19 0.33
N VAL A 288 32.31 -24.27 0.67
CA VAL A 288 32.49 -23.86 2.05
C VAL A 288 31.44 -22.84 2.47
N ARG A 289 31.35 -21.75 1.68
CA ARG A 289 30.37 -20.71 1.95
C ARG A 289 28.98 -21.28 1.72
N ARG A 290 28.88 -22.21 0.77
CA ARG A 290 27.60 -22.85 0.47
C ARG A 290 27.36 -24.03 1.39
N ALA A 291 28.28 -24.26 2.32
CA ALA A 291 28.14 -25.34 3.28
C ALA A 291 27.15 -24.89 4.34
N LYS A 292 26.90 -23.59 4.37
CA LYS A 292 25.96 -22.98 5.30
C LYS A 292 24.74 -22.52 4.52
N ASP A 293 23.59 -23.12 4.80
CA ASP A 293 22.37 -22.76 4.08
C ASP A 293 21.06 -22.96 4.85
N LYS A 294 21.13 -22.96 6.18
CA LYS A 294 19.93 -23.12 7.00
C LYS A 294 18.85 -22.19 6.45
N ASN A 295 19.13 -20.89 6.45
CA ASN A 295 18.20 -19.90 5.91
C ASN A 295 18.34 -20.08 4.40
N ASP A 296 17.24 -20.27 3.68
CA ASP A 296 17.42 -20.47 2.25
C ASP A 296 17.75 -19.15 1.54
N SER A 297 16.82 -18.19 1.52
CA SER A 297 17.08 -16.89 0.91
C SER A 297 17.73 -17.12 -0.46
N PHE A 298 17.26 -18.12 -1.18
CA PHE A 298 17.86 -18.44 -2.47
C PHE A 298 17.51 -17.53 -3.61
N ARG A 299 16.22 -17.34 -3.87
CA ARG A 299 15.80 -16.48 -4.97
C ARG A 299 16.38 -15.09 -4.80
N LEU A 300 16.61 -14.70 -3.54
CA LEU A 300 17.17 -13.39 -3.23
C LEU A 300 18.62 -13.28 -3.69
N MET A 301 19.37 -14.37 -3.55
CA MET A 301 20.75 -14.39 -4.02
C MET A 301 20.74 -14.74 -5.51
N GLY A 302 19.54 -14.90 -6.06
CA GLY A 302 19.41 -15.21 -7.48
C GLY A 302 19.27 -16.68 -7.85
N PHE A 303 18.79 -17.49 -6.92
CA PHE A 303 18.62 -18.91 -7.18
C PHE A 303 17.16 -19.34 -7.04
N GLY A 304 16.67 -20.11 -8.00
CA GLY A 304 15.30 -20.59 -7.98
C GLY A 304 14.28 -19.51 -8.30
N HIS A 305 13.01 -19.90 -8.35
CA HIS A 305 11.92 -18.98 -8.62
C HIS A 305 10.60 -19.57 -8.18
N ARG A 306 9.70 -18.71 -7.69
CA ARG A 306 8.39 -19.18 -7.23
C ARG A 306 7.43 -19.65 -8.30
N VAL A 307 7.44 -18.99 -9.46
CA VAL A 307 6.51 -19.33 -10.55
C VAL A 307 7.06 -20.29 -11.61
N TYR A 308 8.21 -19.95 -12.20
CA TYR A 308 8.82 -20.77 -13.24
C TYR A 308 9.39 -22.07 -12.70
N LYS A 309 8.96 -23.18 -13.30
CA LYS A 309 9.37 -24.51 -12.88
C LYS A 309 10.84 -24.91 -13.08
N ASN A 310 11.33 -24.81 -14.30
CA ASN A 310 12.69 -25.24 -14.61
C ASN A 310 13.68 -24.13 -14.93
N TYR A 311 13.18 -23.00 -15.40
CA TYR A 311 14.06 -21.90 -15.74
C TYR A 311 13.28 -20.59 -15.87
N ASP A 312 14.00 -19.50 -15.69
CA ASP A 312 13.44 -18.16 -15.78
C ASP A 312 13.69 -17.70 -17.22
N PRO A 313 12.61 -17.54 -18.02
CA PRO A 313 12.80 -17.10 -19.41
C PRO A 313 13.60 -15.80 -19.56
N ARG A 314 13.44 -14.90 -18.59
CA ARG A 314 14.14 -13.61 -18.62
C ARG A 314 15.65 -13.78 -18.48
N ALA A 315 16.08 -14.91 -17.93
CA ALA A 315 17.50 -15.16 -17.72
C ALA A 315 18.31 -15.47 -18.96
N THR A 316 17.65 -15.80 -20.08
CA THR A 316 18.41 -16.13 -21.29
C THR A 316 19.19 -14.95 -21.86
N VAL A 317 18.49 -13.85 -22.13
CA VAL A 317 19.15 -12.67 -22.67
C VAL A 317 20.13 -12.10 -21.65
N MET A 318 19.76 -12.15 -20.37
CA MET A 318 20.62 -11.61 -19.31
C MET A 318 21.96 -12.34 -19.16
N ARG A 319 21.95 -13.67 -19.29
CA ARG A 319 23.20 -14.43 -19.16
C ARG A 319 24.16 -14.07 -20.29
N GLU A 320 23.63 -13.97 -21.50
CA GLU A 320 24.46 -13.63 -22.64
C GLU A 320 24.99 -12.19 -22.50
N THR A 321 24.17 -11.33 -21.90
CA THR A 321 24.54 -9.93 -21.69
C THR A 321 25.61 -9.88 -20.60
N CYS A 322 25.51 -10.79 -19.64
CA CYS A 322 26.45 -10.87 -18.54
C CYS A 322 27.80 -11.31 -19.12
N HIS A 323 27.76 -12.29 -20.00
CA HIS A 323 28.96 -12.79 -20.65
C HIS A 323 29.64 -11.63 -21.38
N GLU A 324 28.84 -10.90 -22.15
CA GLU A 324 29.33 -9.78 -22.92
C GLU A 324 30.03 -8.73 -22.02
N VAL A 325 29.29 -8.17 -21.07
CA VAL A 325 29.83 -7.16 -20.17
C VAL A 325 31.11 -7.58 -19.44
N LEU A 326 31.14 -8.79 -18.90
CA LEU A 326 32.31 -9.29 -18.18
C LEU A 326 33.55 -9.27 -19.07
N LYS A 327 33.34 -9.39 -20.37
CA LYS A 327 34.45 -9.39 -21.33
C LYS A 327 34.82 -7.97 -21.74
N GLU A 328 33.81 -7.12 -21.90
CA GLU A 328 34.04 -5.74 -22.28
C GLU A 328 34.81 -5.03 -21.18
N LEU A 329 34.47 -5.34 -19.93
CA LEU A 329 35.16 -4.75 -18.78
C LEU A 329 36.48 -5.45 -18.60
N GLY A 330 36.90 -6.10 -19.69
CA GLY A 330 38.15 -6.83 -19.73
C GLY A 330 38.55 -7.59 -18.48
N THR A 331 39.87 -7.76 -18.33
CA THR A 331 40.43 -8.48 -17.20
C THR A 331 40.62 -7.60 -15.97
N LYS A 332 39.57 -7.55 -15.16
CA LYS A 332 39.55 -6.80 -13.90
C LYS A 332 38.59 -7.60 -13.04
N ASP A 333 38.41 -8.85 -13.44
CA ASP A 333 37.50 -9.77 -12.78
C ASP A 333 38.24 -11.00 -12.25
N ASP A 334 38.61 -10.96 -10.98
CA ASP A 334 39.28 -12.08 -10.33
C ASP A 334 38.29 -12.70 -9.37
N LEU A 335 38.04 -12.00 -8.27
CA LEU A 335 37.08 -12.45 -7.26
C LEU A 335 35.81 -12.94 -7.94
N LEU A 336 35.48 -12.35 -9.09
CA LEU A 336 34.30 -12.73 -9.85
C LEU A 336 34.52 -14.03 -10.66
N GLU A 337 34.99 -15.04 -9.93
CA GLU A 337 35.22 -16.39 -10.44
C GLU A 337 34.23 -17.22 -9.63
N VAL A 338 33.72 -16.59 -8.57
CA VAL A 338 32.73 -17.19 -7.70
C VAL A 338 31.45 -17.19 -8.53
N ALA A 339 31.39 -16.24 -9.46
CA ALA A 339 30.25 -16.11 -10.36
C ALA A 339 30.17 -17.39 -11.17
N MET A 340 31.28 -17.71 -11.84
CA MET A 340 31.39 -18.90 -12.66
C MET A 340 31.21 -20.17 -11.81
N GLU A 341 31.81 -20.16 -10.62
CA GLU A 341 31.73 -21.29 -9.70
C GLU A 341 30.33 -21.55 -9.15
N LEU A 342 29.67 -20.50 -8.66
CA LEU A 342 28.33 -20.64 -8.11
C LEU A 342 27.33 -21.16 -9.14
N GLU A 343 27.46 -20.72 -10.39
CA GLU A 343 26.56 -21.19 -11.43
C GLU A 343 26.79 -22.70 -11.57
N ASN A 344 28.05 -23.10 -11.49
CA ASN A 344 28.42 -24.51 -11.62
C ASN A 344 27.83 -25.35 -10.49
N ILE A 345 27.84 -24.81 -9.28
CA ILE A 345 27.27 -25.53 -8.14
C ILE A 345 25.75 -25.57 -8.19
N ALA A 346 25.15 -24.53 -8.77
CA ALA A 346 23.70 -24.45 -8.88
C ALA A 346 23.17 -25.44 -9.93
N LEU A 347 24.02 -25.81 -10.89
CA LEU A 347 23.64 -26.73 -11.94
C LEU A 347 24.16 -28.16 -11.78
N ASN A 348 25.17 -28.34 -10.92
CA ASN A 348 25.76 -29.66 -10.74
C ASN A 348 25.61 -30.32 -9.36
N ASP A 349 25.20 -29.56 -8.35
CA ASP A 349 25.02 -30.13 -7.02
C ASP A 349 23.61 -30.72 -6.90
N PRO A 350 23.51 -31.99 -6.46
CA PRO A 350 22.20 -32.64 -6.32
C PRO A 350 21.19 -31.82 -5.51
N TYR A 351 21.64 -31.24 -4.41
CA TYR A 351 20.75 -30.42 -3.58
C TYR A 351 20.03 -29.40 -4.46
N PHE A 352 20.81 -28.53 -5.09
CA PHE A 352 20.25 -27.51 -5.97
C PHE A 352 19.44 -28.16 -7.08
N ILE A 353 19.89 -29.31 -7.55
CA ILE A 353 19.20 -30.03 -8.61
C ILE A 353 17.83 -30.48 -8.08
N GLU A 354 17.84 -31.09 -6.91
CA GLU A 354 16.61 -31.58 -6.28
C GLU A 354 15.64 -30.45 -5.96
N LYS A 355 16.12 -29.48 -5.17
CA LYS A 355 15.29 -28.34 -4.78
C LYS A 355 15.17 -27.28 -5.87
N LYS A 356 15.84 -27.50 -7.00
CA LYS A 356 15.81 -26.57 -8.13
C LYS A 356 16.16 -25.10 -7.81
N LEU A 357 17.38 -24.89 -7.31
CA LEU A 357 17.85 -23.54 -7.02
C LEU A 357 18.66 -23.12 -8.24
N TYR A 358 17.98 -23.07 -9.39
CA TYR A 358 18.63 -22.69 -10.63
C TYR A 358 18.79 -21.17 -10.71
N PRO A 359 19.85 -20.70 -11.35
CA PRO A 359 20.06 -19.26 -11.46
C PRO A 359 18.91 -18.58 -12.21
N ASN A 360 18.30 -17.57 -11.61
CA ASN A 360 17.20 -16.85 -12.26
C ASN A 360 17.75 -15.55 -12.85
N VAL A 361 16.87 -14.73 -13.42
CA VAL A 361 17.29 -13.48 -14.05
C VAL A 361 18.14 -12.56 -13.16
N ASP A 362 17.80 -12.50 -11.88
CA ASP A 362 18.53 -11.62 -10.96
C ASP A 362 19.94 -12.07 -10.64
N PHE A 363 20.22 -13.36 -10.77
CA PHE A 363 21.57 -13.88 -10.51
C PHE A 363 22.50 -13.14 -11.49
N TYR A 364 22.14 -13.15 -12.77
CA TYR A 364 22.95 -12.49 -13.78
C TYR A 364 22.85 -10.96 -13.73
N SER A 365 21.71 -10.45 -13.29
CA SER A 365 21.54 -9.00 -13.17
C SER A 365 22.55 -8.52 -12.13
N GLY A 366 22.59 -9.24 -11.00
CA GLY A 366 23.50 -8.90 -9.93
C GLY A 366 24.94 -8.93 -10.40
N ILE A 367 25.31 -9.95 -11.16
CA ILE A 367 26.68 -10.06 -11.64
C ILE A 367 27.05 -8.87 -12.52
N ILE A 368 26.14 -8.46 -13.40
CA ILE A 368 26.38 -7.33 -14.28
C ILE A 368 26.58 -6.04 -13.48
N LEU A 369 25.54 -5.67 -12.71
CA LEU A 369 25.60 -4.46 -11.90
C LEU A 369 26.87 -4.40 -11.05
N LYS A 370 27.23 -5.51 -10.41
CA LYS A 370 28.43 -5.56 -9.58
C LYS A 370 29.66 -5.23 -10.40
N ALA A 371 29.83 -5.93 -11.53
CA ALA A 371 30.96 -5.71 -12.41
C ALA A 371 31.06 -4.23 -12.81
N MET A 372 29.94 -3.53 -12.70
CA MET A 372 29.87 -2.11 -13.06
C MET A 372 30.14 -1.17 -11.89
N GLY A 373 30.45 -1.75 -10.73
CA GLY A 373 30.75 -0.93 -9.57
C GLY A 373 29.52 -0.38 -8.86
N ILE A 374 28.36 -0.98 -9.12
CA ILE A 374 27.12 -0.56 -8.49
C ILE A 374 26.94 -1.42 -7.24
N PRO A 375 26.83 -0.79 -6.05
CA PRO A 375 26.67 -1.54 -4.80
C PRO A 375 25.36 -2.31 -4.72
N SER A 376 25.34 -3.36 -3.91
CA SER A 376 24.15 -4.19 -3.77
C SER A 376 22.92 -3.44 -3.24
N SER A 377 23.13 -2.43 -2.40
CA SER A 377 22.02 -1.63 -1.85
C SER A 377 21.18 -1.01 -2.96
N MET A 378 21.82 -0.75 -4.10
CA MET A 378 21.14 -0.14 -5.24
C MET A 378 20.46 -1.15 -6.14
N PHE A 379 20.57 -2.43 -5.83
CA PHE A 379 19.96 -3.44 -6.69
C PHE A 379 18.43 -3.33 -6.70
N THR A 380 17.79 -3.35 -5.53
CA THR A 380 16.33 -3.26 -5.49
C THR A 380 15.83 -1.91 -6.00
N VAL A 381 16.60 -0.86 -5.75
CA VAL A 381 16.23 0.47 -6.23
C VAL A 381 16.08 0.44 -7.75
N ILE A 382 17.09 -0.09 -8.44
CA ILE A 382 17.05 -0.18 -9.89
C ILE A 382 15.92 -1.08 -10.41
N PHE A 383 15.66 -2.17 -9.69
CA PHE A 383 14.59 -3.07 -10.12
C PHE A 383 13.22 -2.40 -9.92
N ALA A 384 13.08 -1.62 -8.84
CA ALA A 384 11.83 -0.91 -8.55
C ALA A 384 11.64 0.16 -9.62
N MET A 385 12.74 0.82 -9.95
CA MET A 385 12.73 1.88 -10.96
C MET A 385 12.23 1.27 -12.27
N ALA A 386 12.79 0.13 -12.65
CA ALA A 386 12.37 -0.52 -13.89
C ALA A 386 10.91 -1.00 -13.85
N ARG A 387 10.53 -1.59 -12.71
CA ARG A 387 9.18 -2.13 -12.51
C ARG A 387 8.06 -1.10 -12.44
N THR A 388 8.43 0.17 -12.25
CA THR A 388 7.43 1.23 -12.13
C THR A 388 6.46 1.33 -13.31
N VAL A 389 6.93 1.14 -14.55
CA VAL A 389 6.03 1.20 -15.70
C VAL A 389 4.97 0.10 -15.62
N GLY A 390 5.38 -1.09 -15.19
CA GLY A 390 4.44 -2.20 -15.07
C GLY A 390 3.39 -1.86 -14.02
N TRP A 391 3.82 -1.23 -12.92
CA TRP A 391 2.88 -0.84 -11.86
C TRP A 391 1.87 0.17 -12.38
N ILE A 392 2.35 1.12 -13.18
CA ILE A 392 1.48 2.13 -13.76
C ILE A 392 0.46 1.47 -14.69
N ALA A 393 0.93 0.50 -15.46
CA ALA A 393 0.05 -0.22 -16.39
C ALA A 393 -1.07 -0.93 -15.64
N HIS A 394 -0.71 -1.70 -14.62
CA HIS A 394 -1.68 -2.42 -13.81
C HIS A 394 -2.62 -1.45 -13.10
N TRP A 395 -2.04 -0.40 -12.53
CA TRP A 395 -2.82 0.62 -11.85
C TRP A 395 -3.82 1.26 -12.84
N SER A 396 -3.34 1.59 -14.03
CA SER A 396 -4.19 2.19 -15.04
C SER A 396 -5.29 1.25 -15.53
N GLU A 397 -5.03 -0.05 -15.51
CA GLU A 397 -6.00 -1.05 -15.94
C GLU A 397 -7.03 -1.33 -14.82
N MET A 398 -6.60 -1.19 -13.58
CA MET A 398 -7.50 -1.39 -12.46
C MET A 398 -8.54 -0.27 -12.48
N HIS A 399 -8.09 0.95 -12.77
CA HIS A 399 -9.00 2.09 -12.84
C HIS A 399 -9.98 1.92 -14.00
N SER A 400 -9.43 1.77 -15.20
CA SER A 400 -10.24 1.60 -16.41
C SER A 400 -11.25 0.48 -16.29
N ASP A 401 -11.00 -0.48 -15.39
CA ASP A 401 -11.94 -1.58 -15.20
C ASP A 401 -13.33 -1.08 -14.84
N GLY A 402 -13.60 -0.92 -13.56
CA GLY A 402 -14.91 -0.45 -13.15
C GLY A 402 -14.93 0.30 -11.83
N MET A 403 -13.77 0.72 -11.35
CA MET A 403 -13.64 1.47 -10.09
C MET A 403 -14.55 0.91 -9.00
N LYS A 404 -14.36 -0.39 -8.75
CA LYS A 404 -15.13 -1.11 -7.75
C LYS A 404 -14.25 -1.32 -6.53
N ILE A 405 -14.31 -0.38 -5.58
CA ILE A 405 -13.51 -0.50 -4.37
C ILE A 405 -13.70 -1.89 -3.77
N ALA A 406 -12.66 -2.71 -3.85
CA ALA A 406 -12.72 -4.07 -3.34
C ALA A 406 -12.82 -4.10 -1.82
N ARG A 407 -13.81 -4.85 -1.32
CA ARG A 407 -14.05 -5.00 0.12
C ARG A 407 -14.16 -6.48 0.50
N PRO A 408 -13.03 -7.17 0.71
CA PRO A 408 -13.08 -8.58 1.08
C PRO A 408 -13.73 -8.75 2.45
N ARG A 409 -14.28 -9.94 2.70
CA ARG A 409 -14.95 -10.20 3.97
C ARG A 409 -14.02 -10.84 4.97
N GLN A 410 -14.52 -11.00 6.19
CA GLN A 410 -13.76 -11.66 7.24
C GLN A 410 -14.70 -12.68 7.87
N LEU A 411 -14.13 -13.78 8.34
CA LEU A 411 -14.89 -14.80 9.04
C LEU A 411 -14.60 -14.41 10.48
N TYR A 412 -15.61 -13.91 11.20
CA TYR A 412 -15.38 -13.50 12.58
C TYR A 412 -15.29 -14.72 13.49
N THR A 413 -14.22 -14.78 14.26
CA THR A 413 -13.99 -15.89 15.17
C THR A 413 -13.63 -15.39 16.56
N GLY A 414 -13.92 -14.13 16.82
CA GLY A 414 -13.60 -13.56 18.12
C GLY A 414 -14.70 -13.73 19.16
N TYR A 415 -14.63 -12.90 20.19
CA TYR A 415 -15.61 -12.90 21.28
C TYR A 415 -17.00 -12.44 20.84
N GLU A 416 -18.02 -13.03 21.46
CA GLU A 416 -19.39 -12.64 21.19
C GLU A 416 -19.59 -11.39 22.04
N LYS A 417 -20.65 -10.62 21.79
CA LYS A 417 -20.88 -9.41 22.57
C LYS A 417 -20.75 -9.66 24.07
N ARG A 418 -20.00 -8.80 24.73
CA ARG A 418 -19.80 -8.88 26.18
C ARG A 418 -19.75 -7.45 26.74
N ASP A 419 -20.29 -7.27 27.94
CA ASP A 419 -20.32 -5.96 28.57
C ASP A 419 -18.91 -5.60 29.04
N PHE A 420 -18.62 -4.30 29.06
CA PHE A 420 -17.32 -3.81 29.48
C PHE A 420 -17.34 -3.03 30.79
N LYS A 421 -16.40 -3.37 31.67
CA LYS A 421 -16.22 -2.71 32.96
C LYS A 421 -14.70 -2.68 33.21
N SER A 422 -14.10 -1.51 33.06
CA SER A 422 -12.66 -1.35 33.22
C SER A 422 -12.15 -1.87 34.57
N ASP A 423 -10.90 -2.33 34.60
CA ASP A 423 -10.28 -2.80 35.84
C ASP A 423 -9.31 -1.73 36.34
N ILE A 424 -9.23 -0.62 35.60
CA ILE A 424 -8.31 0.46 35.97
C ILE A 424 -9.02 1.67 36.54
N LYS A 425 -8.24 2.50 37.22
CA LYS A 425 -8.73 3.75 37.80
C LYS A 425 -7.56 4.71 37.65
N ARG A 426 -7.33 5.06 36.39
CA ARG A 426 -6.32 5.97 35.83
C ARG A 426 -5.25 6.79 36.54
N ALA B 1 -25.21 -23.11 11.50
CA ALA B 1 -25.45 -23.76 10.17
C ALA B 1 -26.94 -23.78 9.85
N ASP B 2 -27.42 -22.70 9.24
CA ASP B 2 -28.83 -22.57 8.87
C ASP B 2 -29.06 -23.06 7.44
N THR B 3 -29.05 -22.12 6.50
CA THR B 3 -29.26 -22.44 5.09
C THR B 3 -27.95 -22.92 4.48
N LYS B 4 -27.11 -23.53 5.30
CA LYS B 4 -25.81 -24.04 4.86
C LYS B 4 -25.32 -25.22 5.69
N ALA B 5 -25.53 -26.43 5.16
CA ALA B 5 -25.10 -27.67 5.83
C ALA B 5 -23.74 -28.04 5.24
N LYS B 6 -23.76 -28.62 4.05
CA LYS B 6 -22.56 -28.99 3.32
C LYS B 6 -22.85 -28.64 1.86
N LEU B 7 -21.82 -28.24 1.11
CA LEU B 7 -22.04 -27.87 -0.28
C LEU B 7 -21.28 -28.74 -1.27
N THR B 8 -21.80 -28.82 -2.49
CA THR B 8 -21.20 -29.60 -3.54
C THR B 8 -20.96 -28.77 -4.80
N LEU B 9 -19.70 -28.65 -5.18
CA LEU B 9 -19.33 -27.91 -6.38
C LEU B 9 -19.51 -28.88 -7.55
N ASP B 10 -20.49 -28.57 -8.40
CA ASP B 10 -20.77 -29.43 -9.54
C ASP B 10 -20.20 -28.93 -10.86
N GLY B 11 -19.46 -29.82 -11.52
CA GLY B 11 -18.88 -29.52 -12.81
C GLY B 11 -19.21 -30.73 -13.66
N ASP B 12 -18.54 -31.83 -13.36
CA ASP B 12 -18.77 -33.12 -14.03
C ASP B 12 -18.70 -34.24 -12.99
N THR B 13 -18.31 -33.87 -11.78
CA THR B 13 -18.21 -34.80 -10.65
C THR B 13 -18.32 -34.01 -9.35
N ALA B 14 -19.40 -34.24 -8.61
CA ALA B 14 -19.66 -33.56 -7.35
C ALA B 14 -18.45 -33.39 -6.43
N VAL B 15 -18.11 -32.13 -6.18
CA VAL B 15 -16.99 -31.80 -5.30
C VAL B 15 -17.57 -31.20 -4.03
N GLU B 16 -17.47 -31.91 -2.92
CA GLU B 16 -18.01 -31.43 -1.66
C GLU B 16 -17.04 -30.48 -0.96
N LEU B 17 -17.56 -29.37 -0.47
CA LEU B 17 -16.74 -28.37 0.20
C LEU B 17 -17.21 -28.13 1.65
N ASP B 18 -16.25 -28.05 2.57
CA ASP B 18 -16.56 -27.85 3.97
C ASP B 18 -17.01 -26.43 4.30
N VAL B 19 -18.12 -26.30 5.02
CA VAL B 19 -18.67 -25.02 5.41
C VAL B 19 -18.08 -24.64 6.77
N LEU B 20 -17.68 -23.38 6.93
CA LEU B 20 -17.13 -22.90 8.19
C LEU B 20 -18.09 -21.92 8.85
N LYS B 21 -18.05 -21.87 10.17
CA LYS B 21 -18.92 -20.96 10.92
C LYS B 21 -18.10 -20.05 11.83
N GLY B 22 -18.54 -18.80 11.95
CA GLY B 22 -17.85 -17.88 12.84
C GLY B 22 -18.57 -17.84 14.17
N THR B 23 -18.07 -17.08 15.12
CA THR B 23 -18.74 -16.99 16.41
C THR B 23 -19.93 -16.05 16.22
N LEU B 24 -19.82 -15.17 15.23
CA LEU B 24 -20.87 -14.21 14.87
C LEU B 24 -20.81 -14.01 13.36
N GLY B 25 -21.93 -13.63 12.76
CA GLY B 25 -21.95 -13.41 11.32
C GLY B 25 -22.31 -14.60 10.43
N GLN B 26 -22.05 -14.45 9.13
CA GLN B 26 -22.37 -15.49 8.14
C GLN B 26 -21.40 -16.65 8.02
N ASP B 27 -21.94 -17.81 7.66
CA ASP B 27 -21.15 -19.02 7.45
C ASP B 27 -20.48 -18.86 6.10
N VAL B 28 -19.33 -19.51 5.91
CA VAL B 28 -18.63 -19.43 4.63
C VAL B 28 -18.31 -20.82 4.09
N ILE B 29 -17.98 -20.87 2.80
CA ILE B 29 -17.63 -22.11 2.12
C ILE B 29 -16.12 -22.15 1.97
N ASP B 30 -15.53 -23.30 2.29
CA ASP B 30 -14.09 -23.45 2.19
C ASP B 30 -13.69 -23.78 0.74
N ILE B 31 -12.64 -23.14 0.24
CA ILE B 31 -12.17 -23.42 -1.12
C ILE B 31 -10.65 -23.32 -1.25
N ARG B 32 -9.96 -23.29 -0.11
CA ARG B 32 -8.51 -23.19 -0.09
C ARG B 32 -7.79 -24.15 -1.04
N THR B 33 -8.20 -25.40 -1.07
CA THR B 33 -7.56 -26.41 -1.91
C THR B 33 -8.03 -26.50 -3.36
N LEU B 34 -9.12 -25.83 -3.70
CA LEU B 34 -9.62 -25.90 -5.08
C LEU B 34 -8.54 -25.68 -6.13
N GLY B 35 -7.81 -24.58 -6.04
CA GLY B 35 -6.76 -24.30 -7.01
C GLY B 35 -5.85 -25.49 -7.19
N SER B 36 -5.60 -26.22 -6.11
CA SER B 36 -4.74 -27.40 -6.13
C SER B 36 -5.40 -28.50 -6.95
N LYS B 37 -6.48 -28.15 -7.63
CA LYS B 37 -7.22 -29.09 -8.47
C LYS B 37 -7.61 -28.40 -9.77
N GLY B 38 -6.87 -27.35 -10.11
CA GLY B 38 -7.13 -26.60 -11.33
C GLY B 38 -8.48 -25.89 -11.37
N VAL B 39 -9.18 -25.84 -10.24
CA VAL B 39 -10.47 -25.16 -10.18
C VAL B 39 -10.33 -23.82 -9.45
N PHE B 40 -10.59 -22.73 -10.16
CA PHE B 40 -10.49 -21.39 -9.60
C PHE B 40 -11.77 -20.59 -9.78
N THR B 41 -12.06 -19.73 -8.81
CA THR B 41 -13.25 -18.89 -8.88
C THR B 41 -12.84 -17.53 -9.46
N PHE B 42 -13.82 -16.81 -9.98
CA PHE B 42 -13.58 -15.49 -10.54
C PHE B 42 -14.49 -14.55 -9.76
N ASP B 43 -13.90 -13.51 -9.17
CA ASP B 43 -14.71 -12.57 -8.38
C ASP B 43 -14.09 -11.19 -8.19
N PRO B 44 -13.92 -10.43 -9.27
CA PRO B 44 -13.34 -9.09 -9.12
C PRO B 44 -14.26 -8.31 -8.17
N GLY B 45 -13.68 -7.54 -7.26
CA GLY B 45 -14.48 -6.79 -6.31
C GLY B 45 -14.58 -7.49 -4.97
N PHE B 46 -14.35 -8.80 -4.97
CA PHE B 46 -14.39 -9.61 -3.75
C PHE B 46 -15.76 -9.58 -3.08
N THR B 47 -16.80 -9.63 -3.89
CA THR B 47 -18.18 -9.61 -3.42
C THR B 47 -18.61 -10.87 -2.67
N SER B 48 -17.92 -11.97 -2.93
CA SER B 48 -18.27 -13.24 -2.30
C SER B 48 -17.09 -13.92 -1.63
N THR B 49 -15.91 -13.30 -1.70
CA THR B 49 -14.71 -13.89 -1.13
C THR B 49 -14.35 -13.38 0.28
N THR B 50 -14.10 -14.32 1.18
CA THR B 50 -13.73 -14.00 2.56
C THR B 50 -12.20 -14.13 2.60
N SER B 51 -11.53 -12.98 2.55
CA SER B 51 -10.07 -12.94 2.55
C SER B 51 -9.40 -13.40 3.83
N CYS B 52 -10.08 -13.25 4.96
CA CYS B 52 -9.43 -13.65 6.20
C CYS B 52 -10.37 -13.99 7.34
N GLU B 53 -9.75 -14.48 8.41
CA GLU B 53 -10.43 -14.83 9.64
C GLU B 53 -9.86 -13.82 10.64
N SER B 54 -10.74 -13.16 11.40
CA SER B 54 -10.29 -12.16 12.37
C SER B 54 -11.11 -12.17 13.66
N LYS B 55 -10.50 -11.70 14.75
CA LYS B 55 -11.14 -11.65 16.05
C LYS B 55 -11.14 -10.23 16.62
N ILE B 56 -10.74 -9.26 15.81
CA ILE B 56 -10.63 -7.88 16.26
C ILE B 56 -11.94 -7.10 16.41
N THR B 57 -12.57 -6.82 15.27
CA THR B 57 -13.78 -6.04 15.24
C THR B 57 -14.91 -6.76 14.53
N PHE B 58 -16.12 -6.64 15.09
CA PHE B 58 -17.30 -7.26 14.50
C PHE B 58 -18.32 -6.19 14.19
N ILE B 59 -18.87 -6.24 12.98
CA ILE B 59 -19.89 -5.31 12.55
C ILE B 59 -21.07 -6.09 11.97
N ASP B 60 -22.27 -5.62 12.27
CA ASP B 60 -23.47 -6.19 11.69
C ASP B 60 -24.17 -4.95 11.10
N GLY B 61 -23.89 -4.71 9.83
CA GLY B 61 -24.44 -3.55 9.15
C GLY B 61 -25.91 -3.28 9.35
N ASP B 62 -26.74 -4.28 9.07
CA ASP B 62 -28.19 -4.12 9.22
C ASP B 62 -28.65 -3.93 10.66
N GLU B 63 -27.88 -4.46 11.62
CA GLU B 63 -28.24 -4.32 13.03
C GLU B 63 -27.55 -3.13 13.69
N GLY B 64 -26.68 -2.45 12.95
CA GLY B 64 -25.97 -1.32 13.52
C GLY B 64 -25.11 -1.75 14.68
N ILE B 65 -24.53 -2.93 14.57
CA ILE B 65 -23.67 -3.48 15.62
C ILE B 65 -22.18 -3.24 15.33
N LEU B 66 -21.45 -2.79 16.34
CA LEU B 66 -20.00 -2.57 16.24
C LEU B 66 -19.38 -2.99 17.56
N LEU B 67 -18.54 -4.03 17.53
CA LEU B 67 -17.85 -4.52 18.72
C LEU B 67 -16.33 -4.55 18.51
N HIS B 68 -15.58 -4.34 19.59
CA HIS B 68 -14.10 -4.41 19.55
C HIS B 68 -13.73 -5.44 20.61
N ARG B 69 -13.24 -6.60 20.16
CA ARG B 69 -12.88 -7.69 21.05
C ARG B 69 -14.11 -8.05 21.89
N GLY B 70 -15.29 -7.96 21.28
CA GLY B 70 -16.54 -8.29 21.95
C GLY B 70 -17.26 -7.17 22.67
N PHE B 71 -16.55 -6.08 22.99
CA PHE B 71 -17.15 -4.95 23.70
C PHE B 71 -17.87 -3.99 22.75
N PRO B 72 -19.10 -3.56 23.12
CA PRO B 72 -19.87 -2.63 22.27
C PRO B 72 -19.20 -1.26 22.21
N ILE B 73 -19.14 -0.66 21.03
CA ILE B 73 -18.51 0.64 20.87
C ILE B 73 -19.09 1.69 21.84
N ASP B 74 -20.41 1.70 22.00
CA ASP B 74 -21.08 2.65 22.89
C ASP B 74 -20.51 2.56 24.29
N GLN B 75 -20.29 1.32 24.74
CA GLN B 75 -19.74 1.08 26.07
C GLN B 75 -18.32 1.61 26.18
N LEU B 76 -17.47 1.26 25.21
CA LEU B 76 -16.08 1.72 25.21
C LEU B 76 -15.94 3.24 25.14
N ALA B 77 -16.71 3.87 24.27
CA ALA B 77 -16.66 5.32 24.10
C ALA B 77 -17.14 6.06 25.34
N THR B 78 -17.95 5.38 26.14
CA THR B 78 -18.48 6.00 27.36
C THR B 78 -17.68 5.73 28.62
N ASP B 79 -17.29 4.48 28.87
CA ASP B 79 -16.58 4.16 30.11
C ASP B 79 -15.10 3.78 30.00
N SER B 80 -14.45 4.15 28.90
CA SER B 80 -13.04 3.84 28.74
C SER B 80 -12.29 5.10 28.28
N ASN B 81 -11.11 4.90 27.72
CA ASN B 81 -10.33 6.01 27.20
C ASN B 81 -9.53 5.43 26.03
N TYR B 82 -8.96 6.28 25.20
CA TYR B 82 -8.22 5.80 24.02
C TYR B 82 -7.11 4.78 24.31
N LEU B 83 -6.23 5.07 25.27
CA LEU B 83 -5.14 4.13 25.59
C LEU B 83 -5.66 2.77 26.00
N GLU B 84 -6.63 2.74 26.92
CA GLU B 84 -7.18 1.47 27.37
C GLU B 84 -7.74 0.70 26.18
N VAL B 85 -8.40 1.42 25.27
CA VAL B 85 -8.98 0.79 24.08
C VAL B 85 -7.86 0.29 23.16
N CYS B 86 -6.76 1.04 23.07
CA CYS B 86 -5.63 0.58 22.25
C CYS B 86 -5.13 -0.73 22.83
N TYR B 87 -5.05 -0.81 24.16
CA TYR B 87 -4.59 -2.02 24.82
C TYR B 87 -5.49 -3.20 24.46
N ILE B 88 -6.80 -2.95 24.46
CA ILE B 88 -7.79 -3.98 24.12
C ILE B 88 -7.63 -4.49 22.69
N LEU B 89 -7.63 -3.57 21.73
CA LEU B 89 -7.49 -3.96 20.33
C LEU B 89 -6.20 -4.75 20.09
N LEU B 90 -5.11 -4.28 20.69
CA LEU B 90 -3.81 -4.93 20.54
C LEU B 90 -3.67 -6.24 21.32
N ASN B 91 -4.24 -6.28 22.52
CA ASN B 91 -4.12 -7.47 23.38
C ASN B 91 -5.29 -8.43 23.49
N GLY B 92 -6.46 -8.04 23.00
CA GLY B 92 -7.62 -8.91 23.04
C GLY B 92 -8.44 -8.95 24.32
N GLU B 93 -7.94 -8.27 25.36
CA GLU B 93 -8.62 -8.24 26.65
C GLU B 93 -8.41 -6.87 27.27
N LYS B 94 -9.25 -6.51 28.23
CA LYS B 94 -9.11 -5.23 28.92
C LYS B 94 -7.93 -5.45 29.86
N PRO B 95 -7.13 -4.39 30.10
CA PRO B 95 -5.96 -4.50 30.98
C PRO B 95 -6.22 -4.42 32.48
N THR B 96 -5.24 -4.89 33.25
CA THR B 96 -5.30 -4.81 34.71
C THR B 96 -4.65 -3.46 34.95
N GLN B 97 -4.75 -2.91 36.15
CA GLN B 97 -4.12 -1.63 36.43
C GLN B 97 -2.63 -1.75 36.14
N GLU B 98 -2.05 -2.91 36.42
CA GLU B 98 -0.62 -3.16 36.20
C GLU B 98 -0.25 -3.29 34.72
N GLN B 99 -1.10 -3.96 33.95
CA GLN B 99 -0.84 -4.13 32.52
C GLN B 99 -1.00 -2.78 31.85
N TYR B 100 -2.01 -2.03 32.29
CA TYR B 100 -2.28 -0.71 31.75
C TYR B 100 -1.18 0.29 32.06
N ASP B 101 -0.74 0.34 33.31
CA ASP B 101 0.32 1.26 33.69
C ASP B 101 1.61 0.94 32.92
N GLU B 102 1.87 -0.35 32.73
CA GLU B 102 3.06 -0.77 32.00
C GLU B 102 2.95 -0.24 30.57
N PHE B 103 1.80 -0.50 29.94
CA PHE B 103 1.51 -0.08 28.57
C PHE B 103 1.65 1.45 28.45
N LYS B 104 0.98 2.16 29.34
CA LYS B 104 1.01 3.62 29.39
C LYS B 104 2.45 4.15 29.48
N THR B 105 3.25 3.50 30.30
CA THR B 105 4.65 3.89 30.48
C THR B 105 5.46 3.73 29.20
N THR B 106 5.30 2.60 28.53
CA THR B 106 6.02 2.33 27.28
C THR B 106 5.62 3.34 26.18
N VAL B 107 4.33 3.63 26.11
CA VAL B 107 3.84 4.57 25.13
C VAL B 107 4.46 5.95 25.29
N THR B 108 4.31 6.53 26.48
CA THR B 108 4.84 7.87 26.73
C THR B 108 6.35 8.03 26.53
N ARG B 109 7.10 6.95 26.68
CA ARG B 109 8.56 7.04 26.53
C ARG B 109 9.07 6.84 25.11
N HIS B 110 8.19 6.95 24.12
CA HIS B 110 8.56 6.81 22.71
C HIS B 110 7.90 7.90 21.88
N THR B 111 7.28 8.87 22.56
CA THR B 111 6.56 9.95 21.89
C THR B 111 7.38 11.02 21.16
N MET B 112 8.62 11.25 21.59
CA MET B 112 9.44 12.26 20.95
C MET B 112 9.95 11.77 19.60
N ILE B 113 9.94 12.63 18.58
CA ILE B 113 10.42 12.24 17.26
C ILE B 113 11.91 12.63 17.08
N HIS B 114 12.65 11.80 16.35
CA HIS B 114 14.08 12.03 16.10
C HIS B 114 14.32 13.42 15.54
N GLU B 115 15.35 14.08 16.06
CA GLU B 115 15.72 15.43 15.61
C GLU B 115 15.87 15.55 14.10
N GLN B 116 16.52 14.57 13.48
CA GLN B 116 16.74 14.63 12.03
C GLN B 116 15.46 14.62 11.22
N ILE B 117 14.43 13.95 11.72
CA ILE B 117 13.16 13.91 11.01
C ILE B 117 12.54 15.31 10.97
N THR B 118 12.75 16.10 12.02
CA THR B 118 12.22 17.47 12.06
C THR B 118 12.74 18.27 10.88
N ARG B 119 13.95 17.97 10.45
CA ARG B 119 14.56 18.64 9.30
C ARG B 119 13.78 18.30 8.03
N LEU B 120 13.26 17.08 7.97
CA LEU B 120 12.50 16.64 6.80
C LEU B 120 11.20 17.44 6.71
N PHE B 121 10.59 17.72 7.85
CA PHE B 121 9.35 18.51 7.90
C PHE B 121 9.57 19.86 7.19
N HIS B 122 10.67 20.52 7.57
CA HIS B 122 11.02 21.82 7.01
C HIS B 122 11.41 21.84 5.54
N ALA B 123 11.56 20.66 4.94
CA ALA B 123 11.89 20.60 3.51
C ALA B 123 10.61 20.57 2.67
N PHE B 124 9.47 20.28 3.31
CA PHE B 124 8.20 20.28 2.58
C PHE B 124 7.79 21.73 2.38
N ARG B 125 7.00 22.00 1.34
CA ARG B 125 6.52 23.36 1.09
C ARG B 125 5.58 23.80 2.20
N ARG B 126 5.60 25.07 2.55
CA ARG B 126 4.71 25.59 3.59
C ARG B 126 3.24 25.43 3.22
N ASP B 127 2.92 25.43 1.94
CA ASP B 127 1.54 25.28 1.51
C ASP B 127 1.07 23.83 1.32
N SER B 128 1.89 22.86 1.77
CA SER B 128 1.57 21.43 1.65
C SER B 128 0.30 21.10 2.45
N HIS B 129 -0.52 20.19 1.93
CA HIS B 129 -1.73 19.78 2.64
C HIS B 129 -1.21 18.90 3.78
N PRO B 130 -1.69 19.13 5.02
CA PRO B 130 -1.24 18.33 6.17
C PRO B 130 -1.20 16.81 5.94
N MET B 131 -2.23 16.28 5.30
CA MET B 131 -2.30 14.85 5.04
C MET B 131 -1.16 14.37 4.11
N ALA B 132 -0.79 15.20 3.15
CA ALA B 132 0.30 14.87 2.24
C ALA B 132 1.62 14.80 3.02
N VAL B 133 1.84 15.76 3.91
CA VAL B 133 3.05 15.78 4.73
C VAL B 133 3.06 14.56 5.65
N MET B 134 1.89 14.19 6.17
CA MET B 134 1.77 13.04 7.04
C MET B 134 2.17 11.76 6.28
N CYS B 135 1.74 11.65 5.03
CA CYS B 135 2.10 10.48 4.20
C CYS B 135 3.60 10.48 3.95
N GLY B 136 4.11 11.66 3.61
CA GLY B 136 5.53 11.80 3.33
C GLY B 136 6.42 11.49 4.52
N ILE B 137 6.00 11.91 5.71
CA ILE B 137 6.80 11.63 6.92
C ILE B 137 6.71 10.16 7.35
N THR B 138 5.48 9.62 7.44
CA THR B 138 5.31 8.23 7.86
C THR B 138 6.02 7.24 6.91
N GLY B 139 6.00 7.54 5.61
CA GLY B 139 6.66 6.67 4.65
C GLY B 139 8.18 6.78 4.67
N ALA B 140 8.69 7.81 5.32
CA ALA B 140 10.12 8.05 5.42
C ALA B 140 10.70 7.49 6.70
N LEU B 141 9.84 6.99 7.59
CA LEU B 141 10.30 6.47 8.88
C LEU B 141 11.23 5.26 8.84
N ALA B 142 11.06 4.39 7.85
CA ALA B 142 11.90 3.20 7.74
C ALA B 142 13.37 3.56 7.51
N ALA B 143 13.60 4.74 6.94
CA ALA B 143 14.94 5.23 6.66
C ALA B 143 15.70 5.48 7.96
N PHE B 144 14.99 5.97 8.98
CA PHE B 144 15.59 6.28 10.28
C PHE B 144 15.49 5.11 11.25
N TYR B 145 14.29 4.90 11.79
CA TYR B 145 14.04 3.82 12.74
C TYR B 145 14.22 2.49 12.01
N HIS B 146 15.43 2.26 11.51
CA HIS B 146 15.77 1.07 10.73
C HIS B 146 16.10 -0.20 11.53
N ASP B 147 15.94 -0.15 12.85
CA ASP B 147 16.25 -1.33 13.66
C ASP B 147 14.99 -2.12 14.02
N SER B 148 13.88 -1.81 13.35
CA SER B 148 12.62 -2.50 13.61
C SER B 148 11.83 -2.70 12.31
N LEU B 149 12.50 -3.27 11.31
CA LEU B 149 11.87 -3.50 10.01
C LEU B 149 11.75 -4.98 9.67
N ASP B 150 12.24 -5.86 10.55
CA ASP B 150 12.16 -7.30 10.34
C ASP B 150 10.78 -7.75 10.80
N VAL B 151 9.84 -7.80 9.86
CA VAL B 151 8.45 -8.16 10.12
C VAL B 151 8.20 -9.57 10.63
N ASN B 152 9.19 -10.46 10.51
CA ASN B 152 9.04 -11.83 10.97
C ASN B 152 9.67 -12.03 12.35
N ASN B 153 10.32 -10.99 12.85
CA ASN B 153 10.95 -11.02 14.17
C ASN B 153 9.98 -10.36 15.15
N PRO B 154 9.32 -11.16 16.00
CA PRO B 154 8.36 -10.66 16.99
C PRO B 154 8.84 -9.46 17.82
N ARG B 155 10.14 -9.37 18.04
CA ARG B 155 10.68 -8.24 18.81
C ARG B 155 10.52 -6.96 18.00
N HIS B 156 10.96 -7.00 16.75
CA HIS B 156 10.88 -5.84 15.85
C HIS B 156 9.44 -5.36 15.69
N ARG B 157 8.51 -6.30 15.57
CA ARG B 157 7.11 -5.98 15.39
C ARG B 157 6.48 -5.24 16.58
N GLU B 158 6.88 -5.56 17.81
CA GLU B 158 6.28 -4.85 18.94
C GLU B 158 6.92 -3.47 19.09
N ILE B 159 8.22 -3.39 18.88
CA ILE B 159 8.93 -2.11 18.97
C ILE B 159 8.38 -1.16 17.90
N ALA B 160 8.03 -1.71 16.73
CA ALA B 160 7.48 -0.88 15.65
C ALA B 160 6.07 -0.44 15.99
N ALA B 161 5.24 -1.38 16.45
CA ALA B 161 3.86 -1.05 16.82
C ALA B 161 3.84 0.02 17.91
N PHE B 162 4.76 -0.07 18.86
CA PHE B 162 4.81 0.91 19.93
C PHE B 162 5.29 2.26 19.41
N ARG B 163 6.26 2.24 18.51
CA ARG B 163 6.79 3.48 17.94
C ARG B 163 5.68 4.25 17.20
N LEU B 164 4.90 3.53 16.40
CA LEU B 164 3.81 4.13 15.64
C LEU B 164 2.74 4.71 16.56
N LEU B 165 2.35 3.94 17.55
CA LEU B 165 1.33 4.35 18.50
C LEU B 165 1.76 5.61 19.24
N SER B 166 3.03 5.66 19.60
CA SER B 166 3.57 6.80 20.33
C SER B 166 3.76 8.06 19.49
N LYS B 167 4.39 7.90 18.33
CA LYS B 167 4.71 9.03 17.46
C LYS B 167 3.64 9.65 16.58
N MET B 168 2.62 8.90 16.17
CA MET B 168 1.58 9.46 15.31
C MET B 168 1.01 10.79 15.79
N PRO B 169 0.63 10.89 17.08
CA PRO B 169 0.08 12.14 17.61
C PRO B 169 1.11 13.28 17.50
N THR B 170 2.36 12.95 17.79
CA THR B 170 3.45 13.92 17.72
C THR B 170 3.56 14.44 16.27
N MET B 171 3.60 13.52 15.32
CA MET B 171 3.73 13.90 13.91
C MET B 171 2.51 14.66 13.41
N ALA B 172 1.33 14.21 13.80
CA ALA B 172 0.09 14.84 13.37
C ALA B 172 0.04 16.30 13.80
N ALA B 173 0.40 16.57 15.05
CA ALA B 173 0.39 17.94 15.57
C ALA B 173 1.39 18.80 14.80
N MET B 174 2.59 18.25 14.59
CA MET B 174 3.63 18.97 13.85
C MET B 174 3.18 19.30 12.43
N CYS B 175 2.36 18.44 11.83
CA CYS B 175 1.86 18.73 10.49
C CYS B 175 1.02 19.99 10.57
N TYR B 176 0.21 20.11 11.62
CA TYR B 176 -0.63 21.28 11.80
C TYR B 176 0.22 22.53 12.00
N LYS B 177 1.07 22.51 13.02
CA LYS B 177 1.94 23.64 13.32
C LYS B 177 2.70 24.14 12.09
N TYR B 178 3.28 23.20 11.34
CA TYR B 178 4.03 23.58 10.15
C TYR B 178 3.15 24.35 9.16
N SER B 179 1.91 23.89 8.98
CA SER B 179 0.98 24.53 8.05
C SER B 179 0.59 25.96 8.44
N ILE B 180 0.64 26.28 9.73
CA ILE B 180 0.27 27.63 10.15
C ILE B 180 1.47 28.47 10.58
N GLY B 181 2.66 27.90 10.46
CA GLY B 181 3.85 28.67 10.81
C GLY B 181 4.13 28.91 12.28
N GLN B 182 3.66 28.02 13.15
CA GLN B 182 3.96 28.15 14.58
C GLN B 182 4.99 27.06 14.95
N PRO B 183 5.80 27.31 15.99
CA PRO B 183 6.80 26.31 16.38
C PRO B 183 6.21 24.98 16.84
N PHE B 184 6.95 23.90 16.58
CA PHE B 184 6.53 22.56 17.00
C PHE B 184 6.56 22.46 18.53
N VAL B 185 5.64 21.67 19.08
CA VAL B 185 5.52 21.47 20.52
C VAL B 185 5.91 20.03 20.89
N TYR B 186 6.75 19.87 21.90
CA TYR B 186 7.19 18.55 22.33
C TYR B 186 6.13 17.88 23.22
N PRO B 187 6.13 16.53 23.25
CA PRO B 187 5.16 15.81 24.08
C PRO B 187 5.37 16.20 25.54
N ARG B 188 4.31 16.07 26.34
CA ARG B 188 4.30 16.37 27.77
C ARG B 188 3.97 15.07 28.53
N ASN B 189 4.99 14.45 29.12
CA ASN B 189 4.81 13.19 29.82
C ASN B 189 3.72 13.18 30.88
N ASP B 190 3.42 14.34 31.45
CA ASP B 190 2.40 14.42 32.49
C ASP B 190 0.97 14.55 31.95
N LEU B 191 0.82 14.80 30.65
CA LEU B 191 -0.52 14.95 30.07
C LEU B 191 -1.06 13.66 29.48
N SER B 192 -2.39 13.54 29.45
CA SER B 192 -3.04 12.36 28.89
C SER B 192 -2.85 12.35 27.37
N TYR B 193 -3.18 11.23 26.73
CA TYR B 193 -3.04 11.12 25.29
C TYR B 193 -3.75 12.27 24.57
N ALA B 194 -5.05 12.42 24.82
CA ALA B 194 -5.83 13.48 24.19
C ALA B 194 -5.41 14.89 24.62
N GLY B 195 -5.09 15.05 25.90
CA GLY B 195 -4.67 16.35 26.40
C GLY B 195 -3.31 16.73 25.82
N ASN B 196 -2.44 15.75 25.65
CA ASN B 196 -1.11 16.01 25.09
C ASN B 196 -1.25 16.44 23.64
N PHE B 197 -2.17 15.81 22.91
CA PHE B 197 -2.38 16.14 21.50
C PHE B 197 -2.97 17.55 21.35
N LEU B 198 -3.88 17.93 22.25
CA LEU B 198 -4.47 19.25 22.17
C LEU B 198 -3.41 20.31 22.47
N ASN B 199 -2.53 20.03 23.42
CA ASN B 199 -1.45 20.97 23.77
C ASN B 199 -0.45 21.09 22.62
N MET B 200 -0.16 19.97 21.95
CA MET B 200 0.79 19.98 20.84
C MET B 200 0.18 20.69 19.62
N MET B 201 -1.15 20.71 19.56
CA MET B 201 -1.84 21.37 18.45
C MET B 201 -1.96 22.88 18.64
N PHE B 202 -2.41 23.31 19.82
CA PHE B 202 -2.64 24.73 20.07
C PHE B 202 -1.77 25.50 21.05
N SER B 203 -0.90 24.85 21.82
CA SER B 203 -0.08 25.61 22.74
C SER B 203 0.96 26.44 22.01
N THR B 204 1.52 27.43 22.70
CA THR B 204 2.52 28.35 22.15
C THR B 204 3.43 28.80 23.28
N PRO B 205 4.66 29.26 22.96
CA PRO B 205 5.62 29.71 23.98
C PRO B 205 5.14 30.98 24.71
N CYS B 206 4.28 31.75 24.04
CA CYS B 206 3.76 33.01 24.58
C CYS B 206 3.11 32.89 25.95
N GLU B 207 2.42 31.78 26.19
CA GLU B 207 1.76 31.59 27.48
C GLU B 207 1.41 30.12 27.67
N PRO B 208 1.08 29.74 28.92
CA PRO B 208 0.71 28.36 29.22
C PRO B 208 -0.67 28.07 28.61
N TYR B 209 -0.88 26.85 28.15
CA TYR B 209 -2.14 26.47 27.55
C TYR B 209 -2.95 25.69 28.59
N GLU B 210 -4.23 25.98 28.71
CA GLU B 210 -5.03 25.23 29.67
C GLU B 210 -5.92 24.26 28.93
N VAL B 211 -5.80 22.98 29.28
CA VAL B 211 -6.58 21.93 28.63
C VAL B 211 -7.99 21.84 29.21
N ASN B 212 -8.97 22.29 28.45
CA ASN B 212 -10.37 22.24 28.89
C ASN B 212 -10.74 20.76 29.07
N PRO B 213 -11.31 20.41 30.24
CA PRO B 213 -11.72 19.03 30.54
C PRO B 213 -12.75 18.47 29.57
N ILE B 214 -13.72 19.29 29.20
CA ILE B 214 -14.76 18.85 28.27
C ILE B 214 -14.19 18.63 26.87
N LEU B 215 -13.23 19.48 26.48
CA LEU B 215 -12.62 19.32 25.17
C LEU B 215 -11.67 18.12 25.18
N GLU B 216 -10.99 17.91 26.30
CA GLU B 216 -10.07 16.79 26.45
C GLU B 216 -10.87 15.50 26.30
N ARG B 217 -12.07 15.47 26.86
CA ARG B 217 -12.95 14.30 26.77
C ARG B 217 -13.53 14.16 25.37
N ALA B 218 -13.95 15.28 24.79
CA ALA B 218 -14.53 15.24 23.44
C ALA B 218 -13.53 14.60 22.45
N MET B 219 -12.28 15.07 22.48
CA MET B 219 -11.24 14.55 21.61
C MET B 219 -10.95 13.06 21.88
N ASP B 220 -10.85 12.67 23.15
CA ASP B 220 -10.56 11.27 23.47
C ASP B 220 -11.66 10.39 22.89
N ARG B 221 -12.89 10.89 22.90
CA ARG B 221 -14.02 10.14 22.36
C ARG B 221 -13.94 10.04 20.84
N ILE B 222 -13.50 11.11 20.18
CA ILE B 222 -13.36 11.09 18.73
C ILE B 222 -12.34 10.01 18.36
N LEU B 223 -11.25 9.95 19.12
CA LEU B 223 -10.20 8.95 18.89
C LEU B 223 -10.77 7.55 19.10
N ILE B 224 -11.51 7.37 20.19
CA ILE B 224 -12.13 6.07 20.48
C ILE B 224 -13.03 5.62 19.35
N LEU B 225 -13.88 6.51 18.87
CA LEU B 225 -14.83 6.20 17.81
C LEU B 225 -14.22 5.97 16.42
N HIS B 226 -12.94 6.29 16.27
CA HIS B 226 -12.26 6.08 14.99
C HIS B 226 -11.08 5.10 15.11
N ALA B 227 -10.98 4.40 16.25
CA ALA B 227 -9.89 3.45 16.50
C ALA B 227 -9.78 2.30 15.49
N ASP B 228 -10.92 1.75 15.08
CA ASP B 228 -10.91 0.67 14.10
C ASP B 228 -12.28 0.47 13.46
N HIS B 229 -12.27 -0.01 12.23
CA HIS B 229 -13.52 -0.29 11.56
C HIS B 229 -13.54 -1.57 10.72
N GLU B 230 -13.02 -2.67 11.27
CA GLU B 230 -13.07 -3.93 10.54
C GLU B 230 -12.39 -3.88 9.16
N GLN B 231 -12.70 -4.87 8.32
CA GLN B 231 -12.16 -4.99 6.97
C GLN B 231 -12.49 -3.92 5.91
N ASN B 232 -12.15 -2.65 6.11
CA ASN B 232 -12.45 -1.63 5.10
C ASN B 232 -11.31 -1.47 4.07
N ALA B 233 -11.48 -0.56 3.12
CA ALA B 233 -10.49 -0.35 2.07
C ALA B 233 -9.08 -0.03 2.54
N SER B 234 -8.96 0.82 3.56
CA SER B 234 -7.63 1.18 4.06
C SER B 234 -7.01 0.01 4.82
N THR B 235 -7.81 -0.72 5.59
CA THR B 235 -7.30 -1.87 6.33
C THR B 235 -6.84 -2.96 5.35
N SER B 236 -7.59 -3.11 4.25
CA SER B 236 -7.25 -4.07 3.21
C SER B 236 -5.85 -3.74 2.64
N THR B 237 -5.60 -2.47 2.38
CA THR B 237 -4.30 -2.04 1.86
C THR B 237 -3.18 -2.41 2.83
N VAL B 238 -3.38 -2.09 4.10
CA VAL B 238 -2.40 -2.40 5.16
C VAL B 238 -2.07 -3.90 5.17
N ARG B 239 -3.12 -4.72 5.21
CA ARG B 239 -2.98 -6.17 5.24
C ARG B 239 -2.30 -6.71 3.98
N THR B 240 -2.63 -6.14 2.82
CA THR B 240 -2.05 -6.60 1.56
C THR B 240 -0.60 -6.15 1.41
N ALA B 241 -0.31 -4.93 1.83
CA ALA B 241 1.06 -4.42 1.76
C ALA B 241 1.88 -5.22 2.77
N GLY B 242 1.29 -5.51 3.92
CA GLY B 242 1.99 -6.25 4.95
C GLY B 242 2.29 -7.69 4.56
N SER B 243 1.44 -8.29 3.74
CA SER B 243 1.63 -9.67 3.33
C SER B 243 2.94 -9.90 2.58
N SER B 244 3.35 -8.91 1.78
CA SER B 244 4.59 -9.01 1.01
C SER B 244 5.84 -8.91 1.89
N GLY B 245 5.66 -8.46 3.12
CA GLY B 245 6.78 -8.30 4.03
C GLY B 245 7.23 -6.86 4.16
N ALA B 246 6.48 -5.93 3.57
CA ALA B 246 6.83 -4.52 3.64
C ALA B 246 6.98 -4.10 5.10
N ASN B 247 7.88 -3.16 5.36
CA ASN B 247 8.10 -2.73 6.73
C ASN B 247 6.85 -2.07 7.33
N PRO B 248 6.73 -2.10 8.66
CA PRO B 248 5.60 -1.53 9.42
C PRO B 248 5.22 -0.10 9.07
N PHE B 249 6.22 0.76 8.91
CA PHE B 249 5.95 2.15 8.61
C PHE B 249 5.39 2.34 7.19
N ALA B 250 5.92 1.59 6.23
CA ALA B 250 5.43 1.67 4.85
C ALA B 250 3.96 1.25 4.79
N CYS B 251 3.60 0.22 5.55
CA CYS B 251 2.22 -0.28 5.57
C CYS B 251 1.27 0.77 6.16
N ILE B 252 1.66 1.41 7.26
CA ILE B 252 0.81 2.44 7.87
C ILE B 252 0.70 3.65 6.94
N ALA B 253 1.78 3.98 6.25
CA ALA B 253 1.77 5.09 5.31
C ALA B 253 0.78 4.76 4.19
N ALA B 254 0.78 3.51 3.75
CA ALA B 254 -0.15 3.08 2.70
C ALA B 254 -1.62 3.19 3.20
N GLY B 255 -1.86 2.85 4.46
CA GLY B 255 -3.17 2.98 5.03
C GLY B 255 -3.56 4.45 5.12
N ILE B 256 -2.60 5.37 5.36
CA ILE B 256 -3.03 6.77 5.48
C ILE B 256 -3.40 7.32 4.09
N ALA B 257 -2.61 7.00 3.08
CA ALA B 257 -2.89 7.46 1.73
C ALA B 257 -4.22 6.87 1.25
N SER B 258 -4.50 5.65 1.68
CA SER B 258 -5.73 4.95 1.31
C SER B 258 -6.95 5.61 1.97
N LEU B 259 -6.78 6.09 3.20
CA LEU B 259 -7.85 6.75 3.93
C LEU B 259 -8.12 8.11 3.29
N TRP B 260 -7.06 8.77 2.85
CA TRP B 260 -7.13 10.09 2.21
C TRP B 260 -7.82 9.95 0.85
N GLY B 261 -7.47 8.87 0.15
CA GLY B 261 -8.00 8.57 -1.18
C GLY B 261 -9.28 9.21 -1.65
N PRO B 262 -10.44 8.71 -1.21
CA PRO B 262 -11.73 9.26 -1.62
C PRO B 262 -11.98 10.70 -1.13
N ALA B 263 -11.05 11.59 -1.44
CA ALA B 263 -11.14 12.98 -1.04
C ALA B 263 -10.23 13.85 -1.90
N HIS B 264 -9.73 13.26 -2.99
CA HIS B 264 -8.82 13.95 -3.92
C HIS B 264 -9.51 14.59 -5.13
N GLY B 265 -10.69 14.08 -5.49
CA GLY B 265 -11.41 14.63 -6.63
C GLY B 265 -11.83 16.07 -6.43
N GLY B 266 -12.15 16.76 -7.51
CA GLY B 266 -12.57 18.14 -7.42
C GLY B 266 -13.87 18.30 -6.64
N ALA B 267 -14.92 17.62 -7.08
CA ALA B 267 -16.22 17.69 -6.43
C ALA B 267 -16.14 17.18 -5.00
N ASN B 268 -14.97 16.70 -4.61
CA ASN B 268 -14.76 16.19 -3.26
C ASN B 268 -14.58 17.36 -2.29
N GLU B 269 -13.67 18.28 -2.61
CA GLU B 269 -13.46 19.43 -1.75
C GLU B 269 -14.42 20.53 -2.22
N ALA B 270 -14.79 20.45 -3.49
CA ALA B 270 -15.71 21.43 -4.07
C ALA B 270 -17.01 21.35 -3.27
N ALA B 271 -17.37 20.14 -2.88
CA ALA B 271 -18.57 19.90 -2.07
C ALA B 271 -18.26 20.24 -0.62
N LEU B 272 -17.16 19.67 -0.12
CA LEU B 272 -16.74 19.92 1.26
C LEU B 272 -16.14 21.32 1.35
N LYS B 273 -16.53 22.16 0.40
CA LYS B 273 -16.06 23.54 0.35
C LYS B 273 -17.05 24.41 1.11
N MET B 274 -18.23 24.56 0.53
CA MET B 274 -19.31 25.37 1.11
C MET B 274 -19.79 24.83 2.44
N LEU B 275 -19.52 23.55 2.70
CA LEU B 275 -19.92 22.90 3.94
C LEU B 275 -19.41 23.70 5.14
N GLU B 276 -18.34 24.45 4.91
CA GLU B 276 -17.73 25.28 5.95
C GLU B 276 -17.47 26.68 5.39
N GLU B 277 -17.18 26.76 4.09
CA GLU B 277 -16.92 28.04 3.44
C GLU B 277 -18.02 29.06 3.73
N ILE B 278 -19.17 28.59 4.22
CA ILE B 278 -20.29 29.45 4.55
C ILE B 278 -20.79 29.16 5.97
N GLY B 279 -21.02 30.22 6.74
CA GLY B 279 -21.48 30.05 8.10
C GLY B 279 -22.70 30.91 8.35
N LYS B 280 -23.84 30.45 7.84
CA LYS B 280 -25.10 31.16 7.96
C LYS B 280 -26.23 30.33 7.38
N LYS B 281 -27.19 30.01 8.25
CA LYS B 281 -28.36 29.20 7.90
C LYS B 281 -28.85 29.37 6.47
N GLU B 282 -29.68 30.38 6.23
CA GLU B 282 -30.21 30.62 4.90
C GLU B 282 -29.12 31.01 3.92
N ASN B 283 -28.25 30.06 3.59
CA ASN B 283 -27.21 30.32 2.61
C ASN B 283 -26.62 29.06 1.97
N ILE B 284 -26.20 28.09 2.80
CA ILE B 284 -25.60 26.87 2.26
C ILE B 284 -26.72 25.95 1.79
N PRO B 285 -27.78 25.86 2.59
CA PRO B 285 -28.92 25.01 2.21
C PRO B 285 -29.94 25.78 1.38
N GLU B 286 -30.72 26.61 2.06
CA GLU B 286 -31.77 27.42 1.43
C GLU B 286 -31.70 27.53 -0.10
N PHE B 287 -32.38 26.61 -0.78
CA PHE B 287 -32.42 26.58 -2.25
C PHE B 287 -31.06 26.78 -2.87
N VAL B 288 -30.04 26.11 -2.27
CA VAL B 288 -28.67 26.27 -2.71
C VAL B 288 -28.01 24.94 -3.03
N ARG B 289 -27.27 24.43 -2.05
CA ARG B 289 -26.52 23.19 -2.21
C ARG B 289 -27.46 22.00 -2.26
N ARG B 290 -28.67 22.24 -2.77
CA ARG B 290 -29.68 21.20 -2.89
C ARG B 290 -29.31 20.30 -4.07
N ALA B 291 -28.89 20.95 -5.15
CA ALA B 291 -28.48 20.24 -6.36
C ALA B 291 -27.10 20.76 -6.75
N LYS B 292 -26.65 21.79 -6.03
CA LYS B 292 -25.34 22.38 -6.27
C LYS B 292 -24.25 21.35 -6.03
N ASP B 293 -24.66 20.22 -5.45
CA ASP B 293 -23.75 19.11 -5.16
C ASP B 293 -23.72 18.28 -6.45
N LYS B 294 -22.52 17.95 -6.95
CA LYS B 294 -22.48 17.20 -8.19
C LYS B 294 -22.12 15.72 -8.22
N ASN B 295 -20.89 15.31 -7.87
CA ASN B 295 -20.66 13.87 -7.96
C ASN B 295 -21.01 13.09 -6.70
N ASP B 296 -20.16 13.13 -5.67
CA ASP B 296 -20.64 12.43 -4.48
C ASP B 296 -21.48 13.46 -3.73
N SER B 297 -20.77 14.44 -3.18
CA SER B 297 -21.27 15.68 -2.59
C SER B 297 -22.26 15.44 -1.47
N PHE B 298 -22.18 14.30 -0.80
CA PHE B 298 -23.13 13.97 0.28
C PHE B 298 -22.32 13.16 1.27
N ARG B 299 -21.96 11.98 0.77
CA ARG B 299 -21.20 10.96 1.47
C ARG B 299 -19.87 11.47 1.98
N LEU B 300 -19.48 12.66 1.52
CA LEU B 300 -18.21 13.25 1.93
C LEU B 300 -18.39 14.23 3.10
N MET B 301 -19.61 14.73 3.27
CA MET B 301 -19.90 15.67 4.35
C MET B 301 -20.34 14.98 5.64
N GLY B 302 -20.45 13.66 5.60
CA GLY B 302 -20.87 12.93 6.79
C GLY B 302 -22.32 12.49 6.77
N PHE B 303 -22.83 12.15 5.59
CA PHE B 303 -24.21 11.71 5.43
C PHE B 303 -24.28 10.33 4.77
N GLY B 304 -24.85 9.36 5.48
CA GLY B 304 -24.99 8.01 4.96
C GLY B 304 -23.74 7.17 5.22
N HIS B 305 -23.81 5.89 4.86
CA HIS B 305 -22.68 4.98 5.03
C HIS B 305 -22.98 3.61 4.42
N ARG B 306 -22.04 3.06 3.64
CA ARG B 306 -22.26 1.77 3.00
C ARG B 306 -22.24 0.59 3.97
N VAL B 307 -21.68 0.78 5.17
CA VAL B 307 -21.61 -0.29 6.15
C VAL B 307 -22.91 -0.48 6.94
N TYR B 308 -23.40 0.61 7.50
CA TYR B 308 -24.61 0.57 8.31
C TYR B 308 -25.88 0.85 7.53
N LYS B 309 -26.96 0.17 7.90
CA LYS B 309 -28.24 0.33 7.22
C LYS B 309 -29.09 1.52 7.64
N ASN B 310 -29.39 1.61 8.93
CA ASN B 310 -30.26 2.67 9.42
C ASN B 310 -29.57 3.83 10.13
N TYR B 311 -28.50 3.52 10.84
CA TYR B 311 -27.77 4.54 11.57
C TYR B 311 -26.35 4.06 11.84
N ASP B 312 -25.50 5.00 12.28
CA ASP B 312 -24.11 4.70 12.60
C ASP B 312 -24.02 4.59 14.13
N PRO B 313 -23.75 3.37 14.65
CA PRO B 313 -23.66 3.21 16.11
C PRO B 313 -22.63 4.11 16.79
N ARG B 314 -21.68 4.62 16.03
CA ARG B 314 -20.64 5.49 16.58
C ARG B 314 -21.16 6.90 16.81
N ALA B 315 -22.12 7.32 15.99
CA ALA B 315 -22.70 8.65 16.07
C ALA B 315 -23.51 8.91 17.34
N THR B 316 -23.98 7.84 17.98
CA THR B 316 -24.78 7.99 19.19
C THR B 316 -24.07 8.85 20.23
N VAL B 317 -22.94 8.37 20.75
CA VAL B 317 -22.19 9.11 21.75
C VAL B 317 -21.55 10.36 21.15
N MET B 318 -21.17 10.32 19.88
CA MET B 318 -20.55 11.47 19.24
C MET B 318 -21.52 12.64 19.19
N ARG B 319 -22.82 12.36 19.01
CA ARG B 319 -23.80 13.44 18.97
C ARG B 319 -23.99 13.97 20.39
N GLU B 320 -23.95 13.08 21.38
CA GLU B 320 -24.09 13.50 22.78
C GLU B 320 -22.98 14.48 23.12
N THR B 321 -21.75 14.10 22.75
CA THR B 321 -20.56 14.91 23.00
C THR B 321 -20.62 16.26 22.28
N CYS B 322 -21.22 16.25 21.10
CA CYS B 322 -21.36 17.45 20.30
C CYS B 322 -22.07 18.53 21.12
N HIS B 323 -23.09 18.11 21.86
CA HIS B 323 -23.86 18.99 22.71
C HIS B 323 -22.95 19.59 23.79
N GLU B 324 -22.32 18.71 24.56
CA GLU B 324 -21.42 19.13 25.63
C GLU B 324 -20.39 20.16 25.16
N VAL B 325 -19.90 19.99 23.93
CA VAL B 325 -18.90 20.89 23.35
C VAL B 325 -19.46 22.25 22.94
N LEU B 326 -20.54 22.26 22.18
CA LEU B 326 -21.14 23.51 21.77
C LEU B 326 -21.62 24.23 23.03
N LYS B 327 -22.26 23.48 23.90
CA LYS B 327 -22.75 24.00 25.17
C LYS B 327 -21.58 24.71 25.87
N GLU B 328 -20.56 23.93 26.22
CA GLU B 328 -19.36 24.42 26.90
C GLU B 328 -18.73 25.67 26.29
N LEU B 329 -18.22 25.55 25.06
CA LEU B 329 -17.59 26.68 24.41
C LEU B 329 -18.57 27.82 24.27
N GLY B 330 -19.77 27.51 23.81
CA GLY B 330 -20.79 28.52 23.62
C GLY B 330 -20.35 29.55 22.60
N THR B 331 -19.42 30.40 23.01
CA THR B 331 -18.90 31.47 22.16
C THR B 331 -17.94 30.93 21.10
N LYS B 332 -17.93 29.62 20.91
CA LYS B 332 -17.07 28.98 19.92
C LYS B 332 -17.86 27.87 19.25
N ASP B 333 -19.15 28.13 19.05
CA ASP B 333 -20.09 27.18 18.46
C ASP B 333 -21.38 27.84 17.99
N ASP B 334 -22.09 28.48 18.92
CA ASP B 334 -23.36 29.17 18.63
C ASP B 334 -23.51 29.79 17.24
N LEU B 335 -22.45 30.40 16.73
CA LEU B 335 -22.51 30.99 15.40
C LEU B 335 -22.69 29.88 14.36
N LEU B 336 -22.11 28.71 14.68
CA LEU B 336 -22.11 27.52 13.83
C LEU B 336 -23.32 26.61 13.99
N GLU B 337 -24.41 27.15 14.54
CA GLU B 337 -25.62 26.36 14.71
C GLU B 337 -26.33 26.14 13.37
N VAL B 338 -25.54 26.08 12.30
CA VAL B 338 -26.04 25.85 10.96
C VAL B 338 -26.04 24.34 10.78
N ALA B 339 -25.51 23.67 11.79
CA ALA B 339 -25.43 22.21 11.80
C ALA B 339 -26.83 21.66 12.03
N MET B 340 -27.51 22.18 13.04
CA MET B 340 -28.86 21.75 13.37
C MET B 340 -29.79 21.76 12.17
N GLU B 341 -29.63 22.75 11.30
CA GLU B 341 -30.47 22.83 10.12
C GLU B 341 -30.03 21.75 9.13
N LEU B 342 -28.74 21.53 9.02
CA LEU B 342 -28.22 20.51 8.13
C LEU B 342 -28.73 19.15 8.62
N GLU B 343 -28.68 18.94 9.93
CA GLU B 343 -29.14 17.69 10.51
C GLU B 343 -30.65 17.57 10.31
N ASN B 344 -31.37 18.66 10.53
CA ASN B 344 -32.81 18.65 10.37
C ASN B 344 -33.16 18.27 8.94
N ILE B 345 -32.43 18.85 7.99
CA ILE B 345 -32.65 18.56 6.59
C ILE B 345 -32.49 17.05 6.33
N ALA B 346 -31.36 16.50 6.79
CA ALA B 346 -31.09 15.08 6.62
C ALA B 346 -32.16 14.19 7.27
N LEU B 347 -32.85 14.71 8.29
CA LEU B 347 -33.88 13.93 8.97
C LEU B 347 -35.26 13.99 8.31
N ASN B 348 -35.55 15.07 7.57
CA ASN B 348 -36.87 15.21 6.96
C ASN B 348 -36.93 15.43 5.45
N ASP B 349 -35.82 15.87 4.85
CA ASP B 349 -35.78 16.10 3.41
C ASP B 349 -36.10 14.78 2.71
N PRO B 350 -37.08 14.77 1.78
CA PRO B 350 -37.42 13.54 1.07
C PRO B 350 -36.26 12.96 0.28
N TYR B 351 -35.33 13.83 -0.11
CA TYR B 351 -34.15 13.42 -0.87
C TYR B 351 -33.18 12.67 0.02
N PHE B 352 -33.02 13.15 1.25
CA PHE B 352 -32.11 12.52 2.20
C PHE B 352 -32.73 11.24 2.77
N ILE B 353 -34.04 11.27 3.02
CA ILE B 353 -34.73 10.10 3.54
C ILE B 353 -34.66 9.05 2.45
N GLU B 354 -34.65 9.52 1.20
CA GLU B 354 -34.59 8.67 0.01
C GLU B 354 -33.24 7.94 -0.08
N LYS B 355 -32.16 8.71 -0.09
CA LYS B 355 -30.82 8.14 -0.20
C LYS B 355 -30.29 7.56 1.11
N LYS B 356 -31.09 7.59 2.16
CA LYS B 356 -30.67 7.06 3.46
C LYS B 356 -29.43 7.83 3.97
N LEU B 357 -29.36 9.09 3.56
CA LEU B 357 -28.26 9.97 3.93
C LEU B 357 -28.39 10.47 5.36
N TYR B 358 -28.32 9.55 6.32
CA TYR B 358 -28.40 9.93 7.73
C TYR B 358 -27.05 10.48 8.20
N PRO B 359 -27.06 11.35 9.21
CA PRO B 359 -25.80 11.93 9.71
C PRO B 359 -24.96 10.85 10.41
N ASN B 360 -23.74 10.62 9.94
CA ASN B 360 -22.88 9.62 10.57
C ASN B 360 -21.91 10.22 11.61
N VAL B 361 -21.02 9.39 12.15
CA VAL B 361 -20.07 9.83 13.17
C VAL B 361 -19.20 11.00 12.74
N ASP B 362 -18.87 11.09 11.44
CA ASP B 362 -18.03 12.19 10.96
C ASP B 362 -18.79 13.49 10.81
N PHE B 363 -20.11 13.44 10.82
CA PHE B 363 -20.88 14.68 10.75
C PHE B 363 -20.67 15.34 12.12
N TYR B 364 -20.91 14.56 13.17
CA TYR B 364 -20.76 15.07 14.53
C TYR B 364 -19.30 15.29 14.91
N SER B 365 -18.40 14.46 14.38
CA SER B 365 -16.99 14.63 14.69
C SER B 365 -16.51 15.94 14.10
N GLY B 366 -16.88 16.19 12.84
CA GLY B 366 -16.50 17.42 12.17
C GLY B 366 -16.94 18.66 12.93
N ILE B 367 -18.15 18.62 13.50
CA ILE B 367 -18.68 19.75 14.24
C ILE B 367 -17.85 20.07 15.47
N ILE B 368 -17.42 19.04 16.18
CA ILE B 368 -16.60 19.21 17.37
C ILE B 368 -15.22 19.77 16.98
N LEU B 369 -14.73 19.34 15.82
CA LEU B 369 -13.44 19.80 15.36
C LEU B 369 -13.56 21.25 14.86
N LYS B 370 -14.65 21.56 14.17
CA LYS B 370 -14.83 22.93 13.70
C LYS B 370 -15.03 23.83 14.91
N ALA B 371 -15.50 23.24 16.01
CA ALA B 371 -15.73 23.98 17.25
C ALA B 371 -14.46 24.20 18.06
N MET B 372 -13.57 23.23 18.08
CA MET B 372 -12.32 23.36 18.83
C MET B 372 -11.32 24.27 18.09
N GLY B 373 -11.67 24.66 16.87
CA GLY B 373 -10.78 25.52 16.12
C GLY B 373 -9.81 24.76 15.22
N ILE B 374 -10.15 23.53 14.88
CA ILE B 374 -9.33 22.70 14.02
C ILE B 374 -9.79 22.88 12.56
N PRO B 375 -8.85 23.14 11.63
CA PRO B 375 -9.17 23.34 10.22
C PRO B 375 -9.57 22.04 9.54
N SER B 376 -10.49 22.11 8.58
CA SER B 376 -10.95 20.92 7.88
C SER B 376 -9.82 20.15 7.19
N SER B 377 -8.68 20.80 6.97
CA SER B 377 -7.56 20.14 6.34
C SER B 377 -6.75 19.30 7.35
N MET B 378 -7.33 19.07 8.54
CA MET B 378 -6.70 18.28 9.59
C MET B 378 -7.60 17.13 10.04
N PHE B 379 -8.86 17.16 9.59
CA PHE B 379 -9.83 16.13 9.97
C PHE B 379 -9.40 14.69 9.68
N THR B 380 -9.06 14.38 8.42
CA THR B 380 -8.64 13.03 8.08
C THR B 380 -7.27 12.67 8.67
N VAL B 381 -6.46 13.67 9.01
CA VAL B 381 -5.16 13.40 9.62
C VAL B 381 -5.45 12.87 11.02
N ILE B 382 -6.39 13.50 11.70
CA ILE B 382 -6.78 13.09 13.05
C ILE B 382 -7.46 11.69 13.02
N PHE B 383 -8.32 11.46 12.03
CA PHE B 383 -8.98 10.17 11.91
C PHE B 383 -7.94 9.09 11.66
N ALA B 384 -6.98 9.37 10.79
CA ALA B 384 -5.93 8.42 10.49
C ALA B 384 -5.09 8.14 11.73
N MET B 385 -4.80 9.19 12.49
CA MET B 385 -4.01 9.09 13.72
C MET B 385 -4.66 8.11 14.69
N ALA B 386 -5.98 8.23 14.82
CA ALA B 386 -6.75 7.37 15.73
C ALA B 386 -6.85 5.93 15.21
N ARG B 387 -6.95 5.80 13.89
CA ARG B 387 -7.10 4.50 13.23
C ARG B 387 -5.82 3.66 13.17
N THR B 388 -4.68 4.29 13.42
CA THR B 388 -3.41 3.58 13.37
C THR B 388 -3.35 2.37 14.31
N VAL B 389 -3.87 2.50 15.53
CA VAL B 389 -3.83 1.36 16.44
C VAL B 389 -4.62 0.21 15.79
N GLY B 390 -5.71 0.57 15.12
CA GLY B 390 -6.52 -0.43 14.45
C GLY B 390 -5.69 -1.06 13.34
N TRP B 391 -5.05 -0.23 12.51
CA TRP B 391 -4.22 -0.75 11.43
C TRP B 391 -3.11 -1.65 11.97
N ILE B 392 -2.55 -1.25 13.10
CA ILE B 392 -1.48 -2.05 13.71
C ILE B 392 -2.00 -3.41 14.18
N ALA B 393 -3.18 -3.44 14.77
CA ALA B 393 -3.76 -4.70 15.23
C ALA B 393 -4.01 -5.68 14.09
N HIS B 394 -4.54 -5.17 12.97
CA HIS B 394 -4.84 -5.99 11.80
C HIS B 394 -3.58 -6.52 11.14
N TRP B 395 -2.59 -5.65 11.02
CA TRP B 395 -1.30 -6.02 10.42
C TRP B 395 -0.69 -7.15 11.27
N SER B 396 -0.69 -6.97 12.59
CA SER B 396 -0.15 -7.97 13.50
C SER B 396 -0.91 -9.30 13.38
N GLU B 397 -2.23 -9.23 13.40
CA GLU B 397 -3.04 -10.44 13.30
C GLU B 397 -2.64 -11.19 12.04
N MET B 398 -2.62 -10.48 10.91
CA MET B 398 -2.24 -11.08 9.63
C MET B 398 -0.91 -11.81 9.78
N HIS B 399 0.01 -11.24 10.57
CA HIS B 399 1.32 -11.84 10.81
C HIS B 399 1.25 -12.96 11.83
N SER B 400 0.12 -13.09 12.52
CA SER B 400 -0.03 -14.18 13.49
C SER B 400 -0.52 -15.39 12.70
N ASP B 401 -1.22 -15.13 11.60
CA ASP B 401 -1.74 -16.18 10.74
C ASP B 401 -0.61 -16.69 9.86
N GLY B 402 0.58 -16.13 10.05
CA GLY B 402 1.73 -16.53 9.27
C GLY B 402 1.91 -15.71 8.01
N MET B 403 1.83 -14.38 8.15
CA MET B 403 2.00 -13.46 7.03
C MET B 403 1.27 -13.92 5.76
N LYS B 404 -0.06 -13.96 5.83
CA LYS B 404 -0.91 -14.35 4.70
C LYS B 404 -0.53 -13.54 3.46
N ILE B 405 0.23 -14.15 2.55
CA ILE B 405 0.68 -13.50 1.31
C ILE B 405 -0.46 -13.26 0.32
N ALA B 406 -1.09 -12.08 0.42
CA ALA B 406 -2.21 -11.72 -0.45
C ALA B 406 -1.76 -11.57 -1.91
N ARG B 407 -1.80 -12.69 -2.64
CA ARG B 407 -1.41 -12.71 -4.05
C ARG B 407 -2.48 -13.37 -4.95
N PRO B 408 -3.54 -12.63 -5.30
CA PRO B 408 -4.65 -13.07 -6.15
C PRO B 408 -4.23 -13.43 -7.57
N ARG B 409 -5.14 -14.08 -8.32
CA ARG B 409 -4.89 -14.50 -9.69
C ARG B 409 -5.58 -13.62 -10.71
N GLN B 410 -5.17 -13.76 -11.97
CA GLN B 410 -5.78 -13.00 -13.05
C GLN B 410 -6.35 -13.93 -14.11
N LEU B 411 -7.30 -13.39 -14.88
CA LEU B 411 -7.90 -14.09 -16.01
C LEU B 411 -7.31 -13.30 -17.17
N TYR B 412 -6.45 -13.93 -17.95
CA TYR B 412 -5.81 -13.26 -19.06
C TYR B 412 -6.68 -13.26 -20.31
N THR B 413 -7.00 -12.06 -20.79
CA THR B 413 -7.82 -11.93 -21.99
C THR B 413 -7.11 -11.09 -23.03
N GLY B 414 -5.79 -11.03 -22.95
CA GLY B 414 -5.04 -10.25 -23.91
C GLY B 414 -4.59 -11.05 -25.12
N TYR B 415 -3.74 -10.44 -25.94
CA TYR B 415 -3.21 -11.08 -27.14
C TYR B 415 -2.57 -12.43 -26.86
N GLU B 416 -2.72 -13.36 -27.78
CA GLU B 416 -2.08 -14.66 -27.65
C GLU B 416 -0.67 -14.33 -28.14
N LYS B 417 0.27 -15.27 -28.03
CA LYS B 417 1.62 -14.97 -28.49
C LYS B 417 1.60 -14.46 -29.92
N ARG B 418 2.38 -13.40 -30.17
CA ARG B 418 2.50 -12.80 -31.49
C ARG B 418 3.93 -12.28 -31.61
N ASP B 419 4.49 -12.37 -32.82
CA ASP B 419 5.86 -11.93 -33.06
C ASP B 419 6.02 -10.41 -32.97
N PHE B 420 7.17 -9.99 -32.45
CA PHE B 420 7.48 -8.57 -32.32
C PHE B 420 8.37 -8.10 -33.47
N LYS B 421 7.88 -7.11 -34.20
CA LYS B 421 8.60 -6.53 -35.32
C LYS B 421 8.51 -5.01 -35.16
N SER B 422 9.62 -4.38 -34.80
CA SER B 422 9.67 -2.94 -34.55
C SER B 422 9.55 -2.07 -35.80
N ASP B 423 8.74 -1.01 -35.72
CA ASP B 423 8.53 -0.09 -36.85
C ASP B 423 9.42 1.14 -36.74
N ILE B 424 9.95 1.27 -35.53
CA ILE B 424 10.75 2.37 -35.13
C ILE B 424 12.24 2.31 -35.22
N LYS B 425 12.67 3.49 -34.77
CA LYS B 425 14.01 3.95 -34.55
C LYS B 425 13.81 4.89 -33.35
N ARG B 426 14.74 5.82 -33.18
CA ARG B 426 14.75 6.68 -32.01
C ARG B 426 14.69 5.83 -30.72
S SO4 C . -11.07 -15.67 21.18
O1 SO4 C . -10.43 -14.72 22.16
O2 SO4 C . -12.25 -16.37 21.79
O3 SO4 C . -11.57 -14.85 20.03
O4 SO4 C . -10.00 -16.60 20.72
S SO4 D . 9.62 -10.33 -9.78
O1 SO4 D . 10.66 -11.14 -8.99
O2 SO4 D . 8.35 -11.14 -9.93
O3 SO4 D . 9.26 -9.10 -8.97
O4 SO4 D . 10.28 -9.95 -11.08
S SO4 E . 6.10 18.85 -13.49
O1 SO4 E . 5.44 19.78 -12.46
O2 SO4 E . 6.06 17.43 -13.00
O3 SO4 E . 5.29 18.92 -14.76
O4 SO4 E . 7.48 19.35 -13.73
S SO4 F . -14.90 4.36 7.89
O1 SO4 F . -15.37 5.35 6.81
O2 SO4 F . -15.67 4.58 9.15
O3 SO4 F . -15.17 2.94 7.37
O4 SO4 F . -13.41 4.57 8.08
#